data_4BCB
#
_entry.id   4BCB
#
_cell.length_a   70.610
_cell.length_b   99.360
_cell.length_c   110.470
_cell.angle_alpha   90.00
_cell.angle_beta   90.00
_cell.angle_gamma   90.00
#
_symmetry.space_group_name_H-M   'P 21 21 21'
#
loop_
_entity.id
_entity.type
_entity.pdbx_description
1 polymer 'PROLYL ENDOPEPTIDASE'
2 non-polymer '(5R,6R,8S)-8-(3-{[AMINO(IMINO)METHYL]AMINO}PHENYL)-5-CYCLOHEXYL-6-HYDROXY-3-OXO-1-PHENYL-2,7-DIOXA-4-AZA-6-PHOSPHANONAN-9-OIC ACID 6-OXIDE'
3 non-polymer TRIS(HYDROXYETHYL)AMINOMETHANE
4 non-polymer GLYCEROL
5 water water
#
_entity_poly.entity_id   1
_entity_poly.type   'polypeptide(L)'
_entity_poly.pdbx_seq_one_letter_code
;MLSFQYPDVYRDETAIQDYHGHKVCDPYAWLEDPDSEQTKAFVEAQNKITVPFLEQCPIRGLYKERMTELYDYPKYSCHF
KKGKRYFYFYNTGLQNQRVLYVQDSLEGEARVFLDPNILSDDGTVALRGYAFSEDGEYFAYGLSASGSDWVTIKFMKVDG
AKELPDVLERVKFSCMAWTHDGKGMFYNAYPQQDGKSDGTETSTNLHQKLYYHVLGTDQSEDILCAEFPDEPKWMGGAEL
SDDGRYVLLSIREGCDPVNRLWYCDLQQESNGITGILKWVKLIDNFEGEYDYVTNEGTVFTFKTNRHSPNYRLINIDFTD
PEESKWKVLVPEHEKDVLEWVACVRSNFLVLCYLHDVKNTLQLHDLATGALLKIFPLEVGSVVGYSGQKKDTEIFYQFTS
FLSPGIIYHCDLTKEELEPRVFREVTVKGIDASDYQTVQIFYPSKDGTKIPMFIVHKKGIKLDGSHPAFLYGYGGFNISI
TPNYSVSRLIFVRHMGGVLAVANIRGGGEYGETWHKGGILANKQNCFDDFQCAAEYLIKEGYTSPKRLTINGGSNGGLLV
ATCANQRPDLFGCVIAQVGVMDMLKFHKYTIGHAWTTDYGCSDSKQHFEWLIKYSPLHNVKLPEADDIQYPSMLLLTADH
DDRVVPLHSLKFIATLQYIVGRSRKQNNPLLIHVDTKAGHGAGKPTAKVIEEVSDMFAFIARCLNIDWIP
;
_entity_poly.pdbx_strand_id   A
#
# COMPACT_ATOMS: atom_id res chain seq x y z
N MET A 1 -8.75 -35.51 -7.92
CA MET A 1 -8.26 -34.20 -8.44
C MET A 1 -6.78 -33.95 -8.12
N LEU A 2 -6.31 -34.44 -6.96
CA LEU A 2 -4.92 -34.19 -6.52
C LEU A 2 -3.91 -35.14 -7.17
N SER A 3 -3.40 -34.72 -8.33
CA SER A 3 -2.55 -35.54 -9.20
C SER A 3 -1.07 -35.34 -8.92
N PHE A 4 -0.76 -34.70 -7.80
CA PHE A 4 0.61 -34.40 -7.47
C PHE A 4 0.87 -34.85 -6.03
N GLN A 5 2.15 -34.90 -5.65
CA GLN A 5 2.49 -35.14 -4.26
C GLN A 5 3.23 -33.93 -3.71
N TYR A 6 3.02 -33.67 -2.42
CA TYR A 6 3.74 -32.57 -1.79
C TYR A 6 5.18 -32.98 -1.61
N PRO A 7 6.10 -32.03 -1.79
CA PRO A 7 7.49 -32.44 -1.68
C PRO A 7 7.88 -32.79 -0.24
N ASP A 8 8.89 -33.63 -0.10
CA ASP A 8 9.38 -33.95 1.24
C ASP A 8 10.16 -32.73 1.73
N VAL A 9 9.92 -32.31 2.98
CA VAL A 9 10.56 -31.11 3.47
C VAL A 9 11.09 -31.42 4.86
N TYR A 10 12.40 -31.22 5.02
CA TYR A 10 13.07 -31.60 6.27
C TYR A 10 12.51 -30.83 7.47
N ARG A 11 12.29 -31.52 8.58
CA ARG A 11 11.86 -30.88 9.82
C ARG A 11 13.01 -30.88 10.86
N ASP A 12 13.46 -29.68 11.25
CA ASP A 12 14.47 -29.55 12.28
C ASP A 12 13.78 -29.61 13.63
N GLU A 13 13.70 -30.83 14.17
CA GLU A 13 12.93 -31.06 15.41
C GLU A 13 13.73 -30.57 16.64
N THR A 14 14.96 -30.10 16.40
CA THR A 14 15.75 -29.47 17.48
C THR A 14 15.52 -27.96 17.64
N ALA A 15 14.84 -27.35 16.69
CA ALA A 15 14.60 -25.91 16.67
C ALA A 15 13.47 -25.58 17.65
N ILE A 16 13.85 -25.27 18.89
CA ILE A 16 12.93 -25.04 20.01
C ILE A 16 13.37 -23.76 20.70
N GLN A 17 12.43 -22.82 20.87
CA GLN A 17 12.74 -21.57 21.56
C GLN A 17 11.74 -21.35 22.71
N ASP A 18 12.27 -20.91 23.85
CA ASP A 18 11.43 -20.51 24.99
C ASP A 18 10.98 -19.06 24.85
N TYR A 19 9.66 -18.85 24.82
CA TYR A 19 9.11 -17.51 24.85
C TYR A 19 8.37 -17.35 26.17
N HIS A 20 9.01 -16.71 27.13
CA HIS A 20 8.39 -16.42 28.45
C HIS A 20 7.79 -17.66 29.12
N GLY A 21 8.45 -18.80 28.96
CA GLY A 21 7.99 -20.06 29.55
C GLY A 21 7.17 -20.95 28.62
N HIS A 22 6.81 -20.43 27.45
CA HIS A 22 6.04 -21.16 26.44
C HIS A 22 7.07 -21.66 25.40
N LYS A 23 7.14 -22.97 25.24
CA LYS A 23 8.07 -23.58 24.26
C LYS A 23 7.45 -23.52 22.88
N VAL A 24 8.21 -23.06 21.90
CA VAL A 24 7.74 -23.01 20.53
C VAL A 24 8.72 -23.75 19.64
N CYS A 25 8.22 -24.74 18.90
CA CYS A 25 9.05 -25.45 17.93
C CYS A 25 8.92 -24.78 16.57
N ASP A 26 10.03 -24.62 15.86
CA ASP A 26 10.06 -23.96 14.56
C ASP A 26 10.86 -24.83 13.57
N PRO A 27 10.32 -26.01 13.22
CA PRO A 27 11.09 -26.99 12.43
C PRO A 27 11.49 -26.57 11.01
N TYR A 28 10.84 -25.52 10.47
CA TYR A 28 11.25 -25.00 9.17
C TYR A 28 12.01 -23.68 9.27
N ALA A 29 12.67 -23.44 10.40
CA ALA A 29 13.44 -22.20 10.60
C ALA A 29 14.51 -22.01 9.51
N TRP A 30 15.00 -23.12 9.00
CA TRP A 30 16.02 -23.09 7.94
C TRP A 30 15.59 -22.38 6.65
N LEU A 31 14.28 -22.31 6.41
CA LEU A 31 13.74 -21.58 5.26
C LEU A 31 13.89 -20.08 5.37
N GLU A 32 14.35 -19.61 6.53
CA GLU A 32 14.65 -18.18 6.73
C GLU A 32 15.90 -17.75 5.95
N ASP A 33 16.70 -18.70 5.49
CA ASP A 33 17.91 -18.36 4.69
C ASP A 33 17.57 -18.42 3.20
N PRO A 34 17.42 -17.27 2.56
CA PRO A 34 16.99 -17.30 1.16
C PRO A 34 18.10 -17.77 0.22
N ASP A 35 19.34 -17.81 0.70
CA ASP A 35 20.47 -18.08 -0.19
C ASP A 35 20.94 -19.53 -0.20
N SER A 36 20.35 -20.35 0.67
CA SER A 36 20.82 -21.73 0.82
C SER A 36 20.32 -22.61 -0.31
N GLU A 37 21.10 -23.66 -0.60
CA GLU A 37 20.68 -24.62 -1.60
C GLU A 37 19.40 -25.31 -1.17
N GLN A 38 19.23 -25.51 0.15
CA GLN A 38 18.04 -26.16 0.71
C GLN A 38 16.78 -25.32 0.45
N THR A 39 16.91 -24.02 0.67
CA THR A 39 15.76 -23.12 0.45
C THR A 39 15.45 -23.01 -1.04
N LYS A 40 16.48 -22.84 -1.86
CA LYS A 40 16.27 -22.77 -3.31
C LYS A 40 15.59 -24.05 -3.83
N ALA A 41 16.02 -25.19 -3.31
CA ALA A 41 15.44 -26.47 -3.76
C ALA A 41 13.97 -26.59 -3.33
N PHE A 42 13.67 -26.07 -2.14
CA PHE A 42 12.31 -26.03 -1.63
C PHE A 42 11.42 -25.22 -2.56
N VAL A 43 11.88 -24.03 -2.92
CA VAL A 43 11.06 -23.15 -3.75
C VAL A 43 10.81 -23.79 -5.12
N GLU A 44 11.88 -24.37 -5.69
CA GLU A 44 11.76 -25.04 -7.01
C GLU A 44 10.73 -26.17 -6.93
N ALA A 45 10.83 -26.98 -5.88
CA ALA A 45 9.94 -28.14 -5.76
C ALA A 45 8.47 -27.72 -5.57
N GLN A 46 8.26 -26.62 -4.85
CA GLN A 46 6.89 -26.08 -4.66
C GLN A 46 6.35 -25.54 -5.99
N ASN A 47 7.16 -24.73 -6.69
CA ASN A 47 6.70 -24.20 -7.98
C ASN A 47 6.39 -25.31 -8.98
N LYS A 48 7.13 -26.41 -8.88
CA LYS A 48 6.98 -27.54 -9.81
C LYS A 48 5.60 -28.18 -9.72
N ILE A 49 4.96 -28.13 -8.56
CA ILE A 49 3.61 -28.69 -8.42
C ILE A 49 2.54 -27.64 -8.62
N THR A 50 2.83 -26.41 -8.24
CA THR A 50 1.83 -25.33 -8.35
C THR A 50 1.57 -24.95 -9.78
N VAL A 51 2.64 -24.75 -10.56
CA VAL A 51 2.46 -24.22 -11.93
C VAL A 51 1.59 -25.14 -12.84
N PRO A 52 1.85 -26.46 -12.85
CA PRO A 52 0.97 -27.31 -13.66
C PRO A 52 -0.48 -27.32 -13.15
N PHE A 53 -0.67 -27.22 -11.84
CA PHE A 53 -2.02 -27.16 -11.31
C PHE A 53 -2.75 -25.91 -11.82
N LEU A 54 -2.07 -24.77 -11.81
CA LEU A 54 -2.72 -23.52 -12.28
C LEU A 54 -2.99 -23.51 -13.80
N GLU A 55 -2.11 -24.15 -14.56
CA GLU A 55 -2.15 -24.05 -16.03
C GLU A 55 -2.93 -25.18 -16.71
N GLN A 56 -3.38 -26.17 -15.94
CA GLN A 56 -3.98 -27.37 -16.56
C GLN A 56 -5.30 -27.06 -17.27
N CYS A 57 -6.15 -26.26 -16.65
CA CYS A 57 -7.48 -26.07 -17.21
C CYS A 57 -7.57 -24.87 -18.16
N PRO A 58 -8.30 -25.02 -19.30
CA PRO A 58 -8.50 -23.95 -20.27
C PRO A 58 -8.89 -22.61 -19.64
N ILE A 59 -9.50 -22.66 -18.45
CA ILE A 59 -9.97 -21.44 -17.78
C ILE A 59 -8.90 -20.35 -17.65
N ARG A 60 -7.68 -20.75 -17.32
CA ARG A 60 -6.60 -19.76 -17.13
C ARG A 60 -6.36 -18.99 -18.43
N GLY A 61 -6.33 -19.73 -19.53
CA GLY A 61 -6.14 -19.12 -20.86
C GLY A 61 -7.27 -18.19 -21.22
N LEU A 62 -8.49 -18.60 -20.89
CA LEU A 62 -9.67 -17.81 -21.18
C LEU A 62 -9.65 -16.51 -20.38
N TYR A 63 -9.26 -16.63 -19.12
CA TYR A 63 -9.18 -15.47 -18.23
C TYR A 63 -8.07 -14.54 -18.71
N LYS A 64 -6.92 -15.13 -19.01
CA LYS A 64 -5.77 -14.31 -19.45
C LYS A 64 -6.11 -13.54 -20.73
N GLU A 65 -6.77 -14.18 -21.70
CA GLU A 65 -7.16 -13.46 -22.94
C GLU A 65 -8.10 -12.28 -22.66
N ARG A 66 -9.11 -12.53 -21.84
CA ARG A 66 -10.07 -11.51 -21.48
C ARG A 66 -9.41 -10.38 -20.68
N MET A 67 -8.52 -10.72 -19.76
CA MET A 67 -7.79 -9.68 -18.99
C MET A 67 -6.94 -8.81 -19.92
N THR A 68 -6.25 -9.47 -20.85
CA THR A 68 -5.42 -8.76 -21.79
C THR A 68 -6.24 -7.79 -22.64
N GLU A 69 -7.41 -8.23 -23.11
CA GLU A 69 -8.28 -7.36 -23.89
C GLU A 69 -8.85 -6.21 -23.05
N LEU A 70 -9.46 -6.54 -21.91
CA LEU A 70 -10.15 -5.53 -21.11
C LEU A 70 -9.24 -4.56 -20.38
N TYR A 71 -8.05 -5.02 -19.98
CA TYR A 71 -7.08 -4.13 -19.33
C TYR A 71 -6.38 -3.19 -20.33
N ASP A 72 -6.58 -3.45 -21.61
CA ASP A 72 -5.96 -2.64 -22.66
C ASP A 72 -6.81 -1.40 -22.91
N TYR A 73 -6.67 -0.45 -22.01
CA TYR A 73 -7.29 0.86 -22.16
C TYR A 73 -6.28 1.92 -21.74
N PRO A 74 -6.40 3.13 -22.30
CA PRO A 74 -5.42 4.16 -21.95
C PRO A 74 -5.53 4.59 -20.49
N LYS A 75 -4.38 4.71 -19.84
CA LYS A 75 -4.32 5.00 -18.41
C LYS A 75 -3.51 6.26 -18.20
N TYR A 76 -4.16 7.28 -17.63
CA TYR A 76 -3.56 8.60 -17.41
C TYR A 76 -3.43 8.90 -15.91
N SER A 77 -2.34 9.59 -15.53
CA SER A 77 -2.27 10.34 -14.26
C SER A 77 -2.80 11.77 -14.47
N CYS A 78 -3.03 12.50 -13.36
CA CYS A 78 -3.29 13.96 -13.45
C CYS A 78 -2.11 14.68 -14.11
N HIS A 79 -2.41 15.73 -14.86
CA HIS A 79 -1.37 16.69 -15.23
C HIS A 79 -0.87 17.40 -14.00
N PHE A 80 0.41 17.74 -14.00
CA PHE A 80 0.93 18.64 -12.99
C PHE A 80 1.92 19.57 -13.62
N LYS A 81 1.87 20.85 -13.25
CA LYS A 81 2.82 21.83 -13.74
C LYS A 81 4.05 21.84 -12.84
N LYS A 82 5.22 21.93 -13.46
CA LYS A 82 6.47 22.17 -12.75
C LYS A 82 7.25 23.24 -13.53
N GLY A 83 7.52 24.37 -12.88
CA GLY A 83 8.15 25.49 -13.60
C GLY A 83 7.26 25.85 -14.78
N LYS A 84 7.85 25.89 -15.97
CA LYS A 84 7.16 26.33 -17.20
C LYS A 84 6.48 25.24 -18.02
N ARG A 85 6.54 24.01 -17.53
CA ARG A 85 6.07 22.87 -18.30
C ARG A 85 5.04 22.06 -17.54
N TYR A 86 4.22 21.32 -18.28
CA TYR A 86 3.31 20.35 -17.68
C TYR A 86 3.80 18.91 -17.88
N PHE A 87 3.50 18.07 -16.90
CA PHE A 87 3.91 16.66 -16.93
C PHE A 87 2.70 15.78 -16.61
N TYR A 88 2.72 14.54 -17.13
CA TYR A 88 1.73 13.52 -16.76
C TYR A 88 2.25 12.15 -17.09
N PHE A 89 1.76 11.14 -16.36
CA PHE A 89 1.99 9.74 -16.72
C PHE A 89 0.91 9.19 -17.63
N TYR A 90 1.32 8.28 -18.50
CA TYR A 90 0.40 7.69 -19.47
C TYR A 90 0.90 6.32 -19.86
N ASN A 91 -0.04 5.39 -19.93
CA ASN A 91 0.18 4.06 -20.46
C ASN A 91 -0.83 3.87 -21.59
N THR A 92 -0.35 3.56 -22.79
CA THR A 92 -1.26 3.37 -23.92
C THR A 92 -2.23 2.22 -23.65
N GLY A 93 -1.84 1.32 -22.75
CA GLY A 93 -2.76 0.28 -22.26
C GLY A 93 -2.04 -0.88 -21.63
N LEU A 94 -1.10 -1.47 -22.37
CA LEU A 94 -0.47 -2.71 -21.92
C LEU A 94 1.05 -2.53 -21.79
N GLN A 95 1.53 -1.31 -21.85
CA GLN A 95 2.96 -1.10 -21.55
C GLN A 95 3.27 -1.63 -20.16
N ASN A 96 4.48 -2.18 -19.99
CA ASN A 96 4.81 -2.73 -18.68
C ASN A 96 4.83 -1.67 -17.61
N GLN A 97 5.34 -0.47 -17.97
CA GLN A 97 5.44 0.65 -17.04
C GLN A 97 4.80 1.87 -17.71
N ARG A 98 4.11 2.69 -16.91
CA ARG A 98 3.61 3.99 -17.40
C ARG A 98 4.79 4.91 -17.66
N VAL A 99 4.59 5.87 -18.55
CA VAL A 99 5.67 6.69 -19.08
C VAL A 99 5.38 8.14 -18.73
N LEU A 100 6.43 8.86 -18.35
CA LEU A 100 6.27 10.28 -18.00
C LEU A 100 6.43 11.12 -19.26
N TYR A 101 5.43 11.96 -19.55
CA TYR A 101 5.40 12.88 -20.69
C TYR A 101 5.56 14.32 -20.21
N VAL A 102 6.05 15.16 -21.12
CA VAL A 102 6.22 16.59 -20.90
C VAL A 102 5.58 17.37 -22.04
N GLN A 103 5.02 18.53 -21.71
CA GLN A 103 4.52 19.47 -22.74
C GLN A 103 4.72 20.91 -22.29
N ASP A 104 4.84 21.84 -23.23
CA ASP A 104 5.12 23.22 -22.87
C ASP A 104 3.89 24.02 -22.51
N SER A 105 2.73 23.49 -22.86
CA SER A 105 1.44 24.06 -22.48
C SER A 105 0.39 22.97 -22.52
N LEU A 106 -0.77 23.28 -21.98
CA LEU A 106 -1.89 22.36 -21.99
C LEU A 106 -2.37 22.00 -23.41
N GLU A 107 -2.20 22.93 -24.35
CA GLU A 107 -2.62 22.71 -25.74
C GLU A 107 -1.50 22.11 -26.60
N GLY A 108 -0.29 22.11 -26.06
CA GLY A 108 0.91 21.77 -26.82
C GLY A 108 1.14 20.28 -27.03
N GLU A 109 1.93 19.96 -28.05
CA GLU A 109 2.34 18.60 -28.34
C GLU A 109 3.11 18.03 -27.14
N ALA A 110 2.83 16.78 -26.81
CA ALA A 110 3.53 16.12 -25.70
C ALA A 110 4.66 15.29 -26.25
N ARG A 111 5.73 15.15 -25.47
CA ARG A 111 6.80 14.24 -25.84
C ARG A 111 7.25 13.39 -24.65
N VAL A 112 7.84 12.25 -24.96
CA VAL A 112 8.36 11.36 -23.92
C VAL A 112 9.43 12.08 -23.11
N PHE A 113 9.31 12.04 -21.79
CA PHE A 113 10.31 12.61 -20.89
C PHE A 113 11.15 11.52 -20.23
N LEU A 114 10.50 10.53 -19.65
CA LEU A 114 11.20 9.38 -19.05
C LEU A 114 10.35 8.13 -19.27
N ASP A 115 10.95 7.17 -19.97
CA ASP A 115 10.29 5.92 -20.32
C ASP A 115 10.99 4.76 -19.60
N PRO A 116 10.45 4.30 -18.46
CA PRO A 116 11.11 3.21 -17.75
C PRO A 116 11.12 1.89 -18.52
N ASN A 117 10.28 1.75 -19.53
CA ASN A 117 10.25 0.48 -20.27
C ASN A 117 11.58 0.12 -20.94
N ILE A 118 12.32 1.14 -21.36
CA ILE A 118 13.56 0.92 -22.09
C ILE A 118 14.71 0.54 -21.15
N LEU A 119 14.44 0.52 -19.84
CA LEU A 119 15.44 0.19 -18.85
C LEU A 119 15.58 -1.30 -18.53
N SER A 120 14.68 -2.12 -19.07
CA SER A 120 14.74 -3.59 -18.84
C SER A 120 13.94 -4.30 -19.92
N ASP A 121 14.33 -5.52 -20.25
CA ASP A 121 13.55 -6.31 -21.24
C ASP A 121 12.16 -6.71 -20.75
N ASP A 122 12.02 -6.85 -19.45
CA ASP A 122 10.81 -7.42 -18.91
C ASP A 122 9.99 -6.45 -18.05
N GLY A 123 10.36 -5.17 -18.07
CA GLY A 123 9.59 -4.17 -17.34
C GLY A 123 9.80 -4.23 -15.84
N THR A 124 10.90 -4.86 -15.41
CA THR A 124 11.14 -5.04 -13.95
C THR A 124 12.05 -3.96 -13.32
N VAL A 125 12.30 -2.89 -14.07
CA VAL A 125 12.88 -1.70 -13.47
C VAL A 125 11.76 -0.65 -13.50
N ALA A 126 11.46 -0.08 -12.33
CA ALA A 126 10.32 0.81 -12.17
C ALA A 126 10.71 2.08 -11.43
N LEU A 127 10.01 3.17 -11.76
CA LEU A 127 10.17 4.40 -11.03
C LEU A 127 9.66 4.19 -9.59
N ARG A 128 10.40 4.69 -8.60
CA ARG A 128 9.91 4.65 -7.22
C ARG A 128 10.33 5.96 -6.58
N GLY A 129 9.44 6.95 -6.65
CA GLY A 129 9.71 8.26 -6.06
C GLY A 129 10.36 9.19 -7.05
N TYR A 130 10.00 10.47 -6.98
CA TYR A 130 10.68 11.50 -7.80
C TYR A 130 10.49 12.88 -7.20
N ALA A 131 11.35 13.80 -7.59
CA ALA A 131 11.24 15.20 -7.15
C ALA A 131 11.87 16.14 -8.15
N PHE A 132 11.06 17.13 -8.58
CA PHE A 132 11.57 18.20 -9.41
C PHE A 132 12.14 19.27 -8.50
N SER A 133 13.15 19.97 -9.01
CA SER A 133 13.67 21.17 -8.35
C SER A 133 12.52 22.20 -8.33
N GLU A 134 12.63 23.18 -7.44
CA GLU A 134 11.57 24.17 -7.24
C GLU A 134 11.22 24.93 -8.54
N ASP A 135 12.24 25.21 -9.38
CA ASP A 135 12.01 25.91 -10.65
C ASP A 135 11.60 24.99 -11.81
N GLY A 136 11.57 23.68 -11.55
CA GLY A 136 11.12 22.69 -12.57
C GLY A 136 12.16 22.35 -13.62
N GLU A 137 13.39 22.86 -13.48
CA GLU A 137 14.42 22.67 -14.51
C GLU A 137 15.28 21.44 -14.27
N TYR A 138 15.19 20.87 -13.08
CA TYR A 138 15.95 19.63 -12.78
C TYR A 138 15.04 18.59 -12.18
N PHE A 139 15.41 17.33 -12.31
CA PHE A 139 14.51 16.22 -11.97
C PHE A 139 15.33 15.08 -11.35
N ALA A 140 14.92 14.66 -10.15
CA ALA A 140 15.55 13.50 -9.50
C ALA A 140 14.50 12.39 -9.47
N TYR A 141 14.95 11.14 -9.70
CA TYR A 141 14.02 10.03 -9.71
C TYR A 141 14.66 8.78 -9.17
N GLY A 142 13.86 7.99 -8.45
CA GLY A 142 14.35 6.70 -7.90
C GLY A 142 14.01 5.56 -8.83
N LEU A 143 14.91 4.60 -8.93
CA LEU A 143 14.63 3.40 -9.71
C LEU A 143 14.82 2.20 -8.81
N SER A 144 13.84 1.29 -8.88
CA SER A 144 13.92 0.03 -8.15
C SER A 144 13.97 -1.11 -9.13
N ALA A 145 14.78 -2.11 -8.82
CA ALA A 145 14.89 -3.27 -9.69
C ALA A 145 14.26 -4.50 -9.05
N SER A 146 13.52 -5.23 -9.86
CA SER A 146 12.90 -6.53 -9.48
C SER A 146 11.95 -6.38 -8.29
N GLY A 147 11.40 -5.20 -8.13
CA GLY A 147 10.34 -4.96 -7.15
C GLY A 147 10.81 -4.74 -5.73
N SER A 148 12.13 -4.66 -5.55
CA SER A 148 12.71 -4.31 -4.22
C SER A 148 12.40 -2.89 -3.73
N ASP A 149 12.32 -2.70 -2.41
CA ASP A 149 12.22 -1.35 -1.82
C ASP A 149 13.50 -0.55 -2.02
N TRP A 150 14.65 -1.20 -2.21
CA TRP A 150 15.90 -0.44 -2.52
C TRP A 150 15.79 0.43 -3.75
N VAL A 151 16.37 1.62 -3.65
CA VAL A 151 16.29 2.64 -4.70
C VAL A 151 17.68 3.12 -5.07
N THR A 152 17.87 3.40 -6.37
CA THR A 152 19.02 4.20 -6.86
C THR A 152 18.41 5.51 -7.37
N ILE A 153 18.91 6.65 -6.89
CA ILE A 153 18.40 7.95 -7.38
C ILE A 153 19.30 8.48 -8.50
N LYS A 154 18.67 8.85 -9.62
CA LYS A 154 19.39 9.45 -10.74
C LYS A 154 18.81 10.82 -11.01
N PHE A 155 19.48 11.57 -11.86
CA PHE A 155 19.14 12.96 -12.12
C PHE A 155 19.13 13.30 -13.61
N MET A 156 18.25 14.23 -13.97
CA MET A 156 18.19 14.74 -15.33
C MET A 156 17.99 16.24 -15.32
N LYS A 157 18.54 16.87 -16.34
CA LYS A 157 18.17 18.27 -16.65
C LYS A 157 16.95 18.20 -17.55
N VAL A 158 15.89 18.92 -17.18
CA VAL A 158 14.60 18.83 -17.87
C VAL A 158 14.65 19.28 -19.34
N ASP A 159 15.22 20.46 -19.58
CA ASP A 159 15.39 20.96 -20.96
C ASP A 159 16.35 20.04 -21.75
N GLY A 160 15.80 19.35 -22.76
CA GLY A 160 16.56 18.36 -23.53
C GLY A 160 16.60 16.96 -22.91
N ALA A 161 15.92 16.79 -21.77
CA ALA A 161 15.92 15.50 -21.03
C ALA A 161 17.33 14.91 -20.94
N LYS A 162 18.27 15.73 -20.46
CA LYS A 162 19.68 15.38 -20.41
C LYS A 162 20.05 14.57 -19.17
N GLU A 163 20.56 13.36 -19.38
CA GLU A 163 21.05 12.56 -18.25
C GLU A 163 22.26 13.23 -17.60
N LEU A 164 22.25 13.27 -16.27
CA LEU A 164 23.34 13.82 -15.51
C LEU A 164 24.13 12.69 -14.83
N PRO A 165 25.38 12.97 -14.41
CA PRO A 165 26.24 11.91 -13.80
C PRO A 165 25.83 11.45 -12.39
N ASP A 166 25.11 12.31 -11.66
CA ASP A 166 24.77 12.09 -10.22
C ASP A 166 24.02 10.80 -10.00
N VAL A 167 24.57 9.95 -9.14
CA VAL A 167 23.88 8.71 -8.76
C VAL A 167 23.94 8.55 -7.24
N LEU A 168 22.80 8.29 -6.61
CA LEU A 168 22.79 8.02 -5.17
C LEU A 168 22.37 6.58 -4.86
N GLU A 169 23.22 5.85 -4.16
CA GLU A 169 22.95 4.47 -3.73
C GLU A 169 22.59 4.35 -2.25
N ARG A 170 22.11 3.15 -1.86
CA ARG A 170 21.70 2.82 -0.47
C ARG A 170 20.48 3.59 0.03
N VAL A 171 19.65 3.98 -0.92
CA VAL A 171 18.44 4.76 -0.67
C VAL A 171 17.28 3.79 -0.44
N LYS A 172 16.50 4.01 0.64
CA LYS A 172 15.32 3.19 0.90
C LYS A 172 14.46 4.00 1.87
N PHE A 173 13.13 3.95 1.64
CA PHE A 173 12.12 4.67 2.44
C PHE A 173 12.52 6.15 2.61
N SER A 174 12.88 6.74 1.47
CA SER A 174 13.55 8.03 1.44
C SER A 174 12.64 9.19 1.06
N CYS A 175 12.92 10.34 1.66
CA CYS A 175 12.36 11.61 1.17
C CYS A 175 13.17 12.03 -0.07
N MET A 176 12.66 13.01 -0.82
CA MET A 176 13.41 13.69 -1.88
C MET A 176 12.96 15.12 -1.90
N ALA A 177 13.85 16.03 -1.48
CA ALA A 177 13.42 17.41 -1.33
C ALA A 177 14.55 18.38 -1.68
N TRP A 178 14.35 19.13 -2.75
CA TRP A 178 15.34 20.10 -3.19
C TRP A 178 15.27 21.39 -2.40
N THR A 179 16.44 21.93 -2.05
CA THR A 179 16.45 23.32 -1.57
C THR A 179 16.06 24.28 -2.68
N HIS A 180 15.39 25.37 -2.33
CA HIS A 180 14.87 26.27 -3.36
C HIS A 180 15.97 27.09 -4.06
N ASP A 181 17.19 27.06 -3.54
CA ASP A 181 18.32 27.65 -4.25
C ASP A 181 18.80 26.79 -5.43
N GLY A 182 18.21 25.60 -5.58
CA GLY A 182 18.54 24.69 -6.68
C GLY A 182 19.92 24.05 -6.52
N LYS A 183 20.53 24.20 -5.33
CA LYS A 183 21.90 23.69 -5.12
C LYS A 183 21.97 22.15 -4.97
N GLY A 184 20.93 21.57 -4.41
CA GLY A 184 21.04 20.16 -4.03
C GLY A 184 19.76 19.68 -3.40
N MET A 185 19.79 18.43 -2.95
CA MET A 185 18.57 17.75 -2.53
C MET A 185 18.84 16.87 -1.30
N PHE A 186 17.87 16.93 -0.38
CA PHE A 186 17.81 16.02 0.73
C PHE A 186 17.28 14.67 0.31
N TYR A 187 17.86 13.64 0.93
CA TYR A 187 17.41 12.25 0.75
C TYR A 187 17.88 11.41 1.92
N ASN A 188 17.39 10.18 2.00
CA ASN A 188 17.77 9.26 3.08
C ASN A 188 18.59 8.09 2.56
N ALA A 189 19.52 7.62 3.40
CA ALA A 189 20.28 6.41 3.08
C ALA A 189 20.59 5.60 4.31
N TYR A 190 20.79 4.30 4.08
CA TYR A 190 21.23 3.37 5.12
C TYR A 190 22.74 3.16 5.08
N PRO A 191 23.36 2.92 6.23
CA PRO A 191 24.80 2.59 6.23
C PRO A 191 25.09 1.29 5.49
N GLN A 192 26.33 1.10 5.05
CA GLN A 192 26.74 -0.19 4.45
C GLN A 192 26.46 -1.37 5.37
N GLN A 193 26.13 -2.51 4.79
CA GLN A 193 25.88 -3.70 5.57
C GLN A 193 26.50 -4.91 4.91
N ASP A 194 26.79 -5.92 5.72
CA ASP A 194 27.31 -7.20 5.22
C ASP A 194 26.29 -7.85 4.31
N GLY A 195 26.78 -8.54 3.27
CA GLY A 195 25.92 -9.32 2.39
C GLY A 195 25.25 -8.45 1.36
N LYS A 196 24.19 -8.97 0.78
CA LYS A 196 23.48 -8.32 -0.32
C LYS A 196 22.55 -7.22 0.10
N SER A 197 22.32 -6.27 -0.82
CA SER A 197 21.32 -5.23 -0.66
C SER A 197 20.52 -5.09 -1.97
N ASP A 198 19.91 -6.18 -2.39
CA ASP A 198 19.21 -6.22 -3.68
C ASP A 198 17.76 -6.61 -3.57
N GLY A 199 17.31 -6.81 -2.34
CA GLY A 199 15.93 -7.23 -2.10
C GLY A 199 15.75 -8.70 -1.83
N THR A 200 16.82 -9.50 -1.98
CA THR A 200 16.75 -10.94 -1.62
C THR A 200 17.22 -11.24 -0.19
N GLU A 201 17.85 -10.25 0.45
CA GLU A 201 18.35 -10.40 1.82
C GLU A 201 17.22 -10.20 2.81
N THR A 202 17.46 -10.61 4.07
CA THR A 202 16.45 -10.40 5.14
C THR A 202 16.92 -9.41 6.19
N SER A 203 18.13 -8.89 6.01
CA SER A 203 18.79 -8.02 6.99
C SER A 203 17.91 -6.86 7.45
N THR A 204 17.85 -6.64 8.77
CA THR A 204 17.07 -5.53 9.32
C THR A 204 17.67 -4.21 8.92
N ASN A 205 16.82 -3.22 8.68
CA ASN A 205 17.26 -1.87 8.26
C ASN A 205 17.17 -0.91 9.44
N LEU A 206 18.34 -0.47 9.89
CA LEU A 206 18.46 0.41 11.05
C LEU A 206 19.41 1.57 10.73
N HIS A 207 19.34 2.61 11.56
CA HIS A 207 20.24 3.78 11.46
C HIS A 207 20.13 4.54 10.14
N GLN A 208 18.90 4.72 9.64
CA GLN A 208 18.69 5.51 8.43
C GLN A 208 19.14 6.95 8.74
N LYS A 209 19.85 7.56 7.80
CA LYS A 209 20.33 8.92 8.01
C LYS A 209 19.73 9.90 6.99
N LEU A 210 19.82 11.19 7.29
CA LEU A 210 19.36 12.22 6.34
C LEU A 210 20.59 12.89 5.77
N TYR A 211 20.72 12.86 4.44
CA TYR A 211 21.86 13.47 3.72
C TYR A 211 21.41 14.58 2.79
N TYR A 212 22.37 15.44 2.40
CA TYR A 212 22.13 16.47 1.40
C TYR A 212 23.15 16.27 0.29
N HIS A 213 22.64 16.05 -0.92
CA HIS A 213 23.48 15.88 -2.11
C HIS A 213 23.56 17.18 -2.90
N VAL A 214 24.78 17.69 -3.05
CA VAL A 214 25.00 18.88 -3.91
C VAL A 214 25.06 18.43 -5.38
N LEU A 215 24.22 18.98 -6.25
CA LEU A 215 24.21 18.54 -7.64
C LEU A 215 25.58 18.80 -8.29
N GLY A 216 26.09 17.82 -9.00
CA GLY A 216 27.37 17.97 -9.70
C GLY A 216 28.54 17.47 -8.88
N THR A 217 28.26 16.75 -7.79
CA THR A 217 29.33 16.21 -6.92
C THR A 217 29.16 14.68 -6.79
N ASP A 218 30.15 14.00 -6.24
CA ASP A 218 30.00 12.57 -5.95
C ASP A 218 29.22 12.36 -4.64
N GLN A 219 28.50 11.24 -4.54
CA GLN A 219 27.73 10.95 -3.31
C GLN A 219 28.61 10.91 -2.04
N SER A 220 29.89 10.57 -2.20
CA SER A 220 30.80 10.51 -1.07
C SER A 220 31.02 11.88 -0.42
N GLU A 221 30.68 12.96 -1.14
CA GLU A 221 30.81 14.32 -0.61
C GLU A 221 29.54 14.80 0.12
N ASP A 222 28.48 13.99 0.09
CA ASP A 222 27.18 14.43 0.65
C ASP A 222 27.26 14.77 2.14
N ILE A 223 26.49 15.77 2.51
CA ILE A 223 26.51 16.30 3.89
C ILE A 223 25.55 15.52 4.76
N LEU A 224 26.00 15.05 5.92
CA LEU A 224 25.10 14.47 6.91
C LEU A 224 24.40 15.59 7.69
N CYS A 225 23.05 15.58 7.65
CA CYS A 225 22.26 16.70 8.18
C CYS A 225 21.48 16.31 9.45
N ALA A 226 21.16 15.01 9.57
CA ALA A 226 20.53 14.47 10.78
C ALA A 226 20.81 12.97 10.92
N GLU A 227 21.04 12.56 12.16
CA GLU A 227 21.18 11.13 12.48
C GLU A 227 20.77 10.90 13.90
N PHE A 228 20.37 9.66 14.21
CA PHE A 228 19.81 9.30 15.52
C PHE A 228 20.51 8.05 16.01
N PRO A 229 21.81 8.17 16.32
CA PRO A 229 22.54 6.94 16.65
C PRO A 229 22.05 6.19 17.91
N ASP A 230 21.37 6.90 18.82
CA ASP A 230 20.85 6.26 20.02
C ASP A 230 19.44 5.72 19.84
N GLU A 231 18.91 5.87 18.62
CA GLU A 231 17.53 5.49 18.32
C GLU A 231 17.52 4.90 16.92
N PRO A 232 17.98 3.63 16.80
CA PRO A 232 18.23 3.03 15.48
C PRO A 232 17.00 2.87 14.60
N LYS A 233 15.79 2.93 15.19
CA LYS A 233 14.56 2.73 14.39
C LYS A 233 13.98 4.03 13.89
N TRP A 234 14.51 5.17 14.36
CA TRP A 234 13.99 6.47 13.89
C TRP A 234 14.33 6.73 12.43
N MET A 235 13.39 7.36 11.72
CA MET A 235 13.56 7.71 10.31
C MET A 235 13.13 9.16 10.16
N GLY A 236 14.07 10.00 9.73
CA GLY A 236 13.82 11.45 9.58
C GLY A 236 13.71 11.87 8.11
N GLY A 237 12.50 12.24 7.68
CA GLY A 237 12.25 12.68 6.31
C GLY A 237 12.13 14.19 6.25
N ALA A 238 12.78 14.79 5.24
CA ALA A 238 12.80 16.25 5.10
C ALA A 238 11.86 16.77 4.01
N GLU A 239 11.37 17.99 4.18
CA GLU A 239 10.64 18.69 3.13
C GLU A 239 10.93 20.15 3.31
N LEU A 240 10.89 20.91 2.23
CA LEU A 240 11.03 22.36 2.36
C LEU A 240 9.66 23.01 2.49
N SER A 241 9.57 24.01 3.37
CA SER A 241 8.36 24.86 3.40
C SER A 241 8.14 25.49 1.99
N ASP A 242 6.91 25.89 1.69
CA ASP A 242 6.53 26.40 0.35
C ASP A 242 7.32 27.67 -0.06
N ASP A 243 7.75 28.44 0.94
CA ASP A 243 8.54 29.65 0.71
C ASP A 243 10.06 29.37 0.67
N GLY A 244 10.44 28.10 0.84
CA GLY A 244 11.86 27.72 0.77
C GLY A 244 12.69 28.04 2.01
N ARG A 245 12.08 28.66 3.01
CA ARG A 245 12.87 29.15 4.16
C ARG A 245 13.25 28.07 5.17
N TYR A 246 12.38 27.09 5.32
CA TYR A 246 12.56 26.11 6.39
C TYR A 246 12.64 24.72 5.86
N VAL A 247 13.54 23.93 6.44
CA VAL A 247 13.50 22.49 6.27
C VAL A 247 12.69 21.92 7.42
N LEU A 248 11.69 21.09 7.11
CA LEU A 248 10.87 20.48 8.17
C LEU A 248 11.22 18.99 8.20
N LEU A 249 11.56 18.52 9.38
CA LEU A 249 11.97 17.12 9.56
C LEU A 249 10.86 16.40 10.30
N SER A 250 10.30 15.37 9.66
CA SER A 250 9.26 14.53 10.26
C SER A 250 9.93 13.23 10.65
N ILE A 251 10.08 12.99 11.95
CA ILE A 251 10.74 11.76 12.41
C ILE A 251 9.68 10.76 12.78
N ARG A 252 9.78 9.55 12.23
CA ARG A 252 8.86 8.47 12.50
C ARG A 252 9.60 7.34 13.21
N GLU A 253 8.86 6.60 14.04
CA GLU A 253 9.34 5.34 14.61
C GLU A 253 8.14 4.37 14.60
N GLY A 254 8.15 3.51 13.60
CA GLY A 254 7.05 2.55 13.43
C GLY A 254 6.03 3.17 12.49
N CYS A 255 4.89 2.50 12.39
CA CYS A 255 3.90 2.80 11.36
C CYS A 255 2.67 3.60 11.83
N ASP A 256 2.62 3.99 13.11
CA ASP A 256 1.47 4.75 13.61
C ASP A 256 1.48 6.13 12.95
N PRO A 257 0.31 6.73 12.78
CA PRO A 257 0.25 8.10 12.28
C PRO A 257 0.61 9.11 13.37
N VAL A 258 1.92 9.18 13.64
CA VAL A 258 2.48 10.15 14.59
C VAL A 258 3.90 10.48 14.08
N ASN A 259 4.41 11.65 14.46
CA ASN A 259 5.79 12.02 14.13
C ASN A 259 6.27 13.12 15.07
N ARG A 260 7.58 13.13 15.35
CA ARG A 260 8.23 14.35 15.85
C ARG A 260 8.30 15.32 14.68
N LEU A 261 8.37 16.61 14.99
CA LEU A 261 8.49 17.65 13.98
C LEU A 261 9.52 18.65 14.45
N TRP A 262 10.65 18.64 13.73
CA TRP A 262 11.69 19.63 14.01
C TRP A 262 11.80 20.54 12.79
N TYR A 263 12.32 21.74 13.00
CA TYR A 263 12.52 22.62 11.85
C TYR A 263 13.89 23.29 11.85
N CYS A 264 14.34 23.63 10.66
CA CYS A 264 15.58 24.41 10.53
C CYS A 264 15.26 25.60 9.66
N ASP A 265 15.49 26.81 10.20
CA ASP A 265 15.37 28.03 9.41
C ASP A 265 16.68 28.18 8.65
N LEU A 266 16.67 27.97 7.33
CA LEU A 266 17.92 27.88 6.60
C LEU A 266 18.67 29.21 6.57
N GLN A 267 17.93 30.30 6.76
CA GLN A 267 18.56 31.63 6.81
C GLN A 267 19.43 31.75 8.05
N GLN A 268 19.17 30.92 9.05
CA GLN A 268 19.95 30.95 10.29
C GLN A 268 21.18 30.06 10.25
N GLU A 269 21.38 29.33 9.16
CA GLU A 269 22.63 28.55 9.05
C GLU A 269 23.81 29.52 8.90
N SER A 270 24.92 29.18 9.54
CA SER A 270 26.06 30.08 9.59
C SER A 270 26.72 30.29 8.23
N ASN A 271 26.63 29.29 7.35
CA ASN A 271 27.34 29.24 6.06
C ASN A 271 26.70 28.22 5.07
N GLY A 272 25.37 28.24 4.94
CA GLY A 272 24.66 27.24 4.15
C GLY A 272 24.68 25.87 4.80
N ILE A 273 24.37 24.84 4.03
CA ILE A 273 24.28 23.46 4.56
C ILE A 273 25.67 22.83 4.60
N THR A 274 26.25 22.75 5.79
CA THR A 274 27.63 22.28 5.91
C THR A 274 27.82 21.12 6.89
N GLY A 275 26.77 20.79 7.62
CA GLY A 275 26.82 19.66 8.55
C GLY A 275 25.48 19.47 9.22
N ILE A 276 25.48 18.95 10.44
CA ILE A 276 24.23 18.80 11.24
C ILE A 276 23.55 20.17 11.36
N LEU A 277 22.29 20.25 10.95
CA LEU A 277 21.60 21.56 10.91
C LEU A 277 21.21 22.01 12.33
N LYS A 278 20.94 23.31 12.50
CA LYS A 278 20.50 23.86 13.80
C LYS A 278 19.02 23.56 14.02
N TRP A 279 18.71 22.29 14.26
CA TRP A 279 17.34 21.86 14.44
C TRP A 279 16.68 22.49 15.66
N VAL A 280 15.45 22.98 15.47
CA VAL A 280 14.62 23.48 16.57
C VAL A 280 13.54 22.41 16.80
N LYS A 281 13.49 21.87 18.01
CA LYS A 281 12.62 20.69 18.21
C LYS A 281 11.22 21.10 18.65
N LEU A 282 10.45 21.59 17.68
CA LEU A 282 9.09 22.11 17.89
C LEU A 282 8.18 21.12 18.60
N ILE A 283 8.08 19.92 18.04
CA ILE A 283 7.31 18.81 18.60
C ILE A 283 8.28 17.65 18.79
N ASP A 284 8.64 17.40 20.04
CA ASP A 284 9.70 16.44 20.30
C ASP A 284 9.22 15.20 21.03
N ASN A 285 8.14 14.62 20.50
CA ASN A 285 7.57 13.38 21.01
C ASN A 285 6.81 12.69 19.89
N PHE A 286 6.29 11.49 20.14
CA PHE A 286 5.52 10.74 19.15
C PHE A 286 4.02 10.66 19.53
N GLU A 287 3.52 11.73 20.14
CA GLU A 287 2.12 11.71 20.63
C GLU A 287 1.09 12.04 19.54
N GLY A 288 1.52 12.68 18.44
CA GLY A 288 0.56 13.05 17.39
C GLY A 288 1.17 13.16 16.02
N GLU A 289 0.34 13.22 14.98
CA GLU A 289 0.82 13.48 13.63
C GLU A 289 0.78 14.97 13.31
N TYR A 290 1.81 15.47 12.62
CA TYR A 290 1.84 16.89 12.16
C TYR A 290 2.29 16.85 10.73
N ASP A 291 1.33 17.02 9.82
CA ASP A 291 1.59 16.92 8.39
C ASP A 291 1.49 18.32 7.83
N TYR A 292 2.64 18.84 7.38
CA TYR A 292 2.71 20.21 6.81
C TYR A 292 1.79 20.43 5.64
N VAL A 293 1.01 21.51 5.70
CA VAL A 293 0.15 21.93 4.59
C VAL A 293 0.71 23.16 3.89
N THR A 294 0.97 24.21 4.65
CA THR A 294 1.55 25.45 4.13
C THR A 294 1.98 26.34 5.29
N ASN A 295 2.66 27.45 4.97
CA ASN A 295 2.97 28.43 5.99
C ASN A 295 2.81 29.82 5.39
N GLU A 296 2.59 30.80 6.26
CA GLU A 296 2.61 32.21 5.91
C GLU A 296 3.49 32.84 6.97
N GLY A 297 4.73 33.15 6.59
CA GLY A 297 5.75 33.56 7.58
C GLY A 297 5.95 32.49 8.62
N THR A 298 5.85 32.87 9.90
CA THR A 298 6.05 31.89 10.97
C THR A 298 4.77 31.10 11.34
N VAL A 299 3.65 31.36 10.67
CA VAL A 299 2.40 30.62 10.96
C VAL A 299 2.28 29.40 10.03
N PHE A 300 2.40 28.22 10.64
CA PHE A 300 2.39 26.95 9.95
C PHE A 300 1.08 26.21 10.12
N THR A 301 0.49 25.83 8.98
CA THR A 301 -0.73 25.05 8.97
C THR A 301 -0.36 23.58 8.88
N PHE A 302 -0.83 22.79 9.83
CA PHE A 302 -0.64 21.33 9.83
C PHE A 302 -1.98 20.60 9.86
N LYS A 303 -2.04 19.47 9.18
CA LYS A 303 -3.07 18.47 9.47
C LYS A 303 -2.59 17.61 10.62
N THR A 304 -3.45 17.40 11.61
CA THR A 304 -3.08 16.67 12.83
C THR A 304 -4.16 15.72 13.30
N ASN A 305 -3.77 14.72 14.09
CA ASN A 305 -4.74 13.91 14.84
C ASN A 305 -4.55 14.07 16.36
N ARG A 306 -3.81 15.10 16.75
CA ARG A 306 -3.56 15.40 18.18
C ARG A 306 -4.90 15.72 18.87
N HIS A 307 -5.31 14.81 19.75
CA HIS A 307 -6.63 14.85 20.40
C HIS A 307 -7.78 15.04 19.39
N SER A 308 -7.58 14.51 18.18
CA SER A 308 -8.55 14.65 17.11
C SER A 308 -8.49 13.42 16.16
N PRO A 309 -9.11 12.30 16.59
CA PRO A 309 -8.93 11.07 15.84
C PRO A 309 -9.46 11.07 14.42
N ASN A 310 -10.42 11.97 14.10
CA ASN A 310 -10.87 12.12 12.70
C ASN A 310 -10.09 13.20 11.92
N TYR A 311 -9.04 13.73 12.56
CA TYR A 311 -8.12 14.75 12.00
C TYR A 311 -8.72 16.14 11.88
N ARG A 312 -7.83 17.13 11.89
CA ARG A 312 -8.25 18.53 11.82
C ARG A 312 -7.06 19.37 11.37
N LEU A 313 -7.32 20.66 11.08
CA LEU A 313 -6.23 21.57 10.71
C LEU A 313 -5.97 22.56 11.84
N ILE A 314 -4.69 22.66 12.23
CA ILE A 314 -4.26 23.63 13.23
C ILE A 314 -3.19 24.55 12.65
N ASN A 315 -3.08 25.76 13.22
CA ASN A 315 -1.98 26.70 12.92
C ASN A 315 -1.11 26.81 14.12
N ILE A 316 0.18 26.49 13.94
CA ILE A 316 1.16 26.70 15.01
C ILE A 316 2.05 27.84 14.57
N ASP A 317 2.14 28.87 15.40
CA ASP A 317 3.08 29.97 15.13
C ASP A 317 4.42 29.64 15.78
N PHE A 318 5.48 29.52 14.97
CA PHE A 318 6.80 29.18 15.52
C PHE A 318 7.26 30.23 16.55
N THR A 319 6.75 31.47 16.48
CA THR A 319 7.12 32.51 17.46
C THR A 319 6.25 32.50 18.71
N ASP A 320 5.25 31.61 18.76
CA ASP A 320 4.39 31.46 19.94
C ASP A 320 3.88 30.02 19.95
N PRO A 321 4.79 29.07 20.19
CA PRO A 321 4.56 27.65 19.84
C PRO A 321 3.89 26.75 20.88
N GLU A 322 3.62 27.28 22.07
CA GLU A 322 3.02 26.45 23.12
C GLU A 322 1.66 25.99 22.64
N GLU A 323 1.30 24.75 22.95
CA GLU A 323 0.04 24.13 22.49
C GLU A 323 -1.26 24.92 22.82
N SER A 324 -1.34 25.53 24.01
CA SER A 324 -2.48 26.39 24.38
C SER A 324 -2.72 27.54 23.40
N LYS A 325 -1.67 27.87 22.61
CA LYS A 325 -1.77 29.01 21.70
C LYS A 325 -2.11 28.61 20.27
N TRP A 326 -2.13 27.31 19.95
CA TRP A 326 -2.41 26.90 18.56
C TRP A 326 -3.82 27.31 18.17
N LYS A 327 -3.99 27.70 16.91
CA LYS A 327 -5.34 28.04 16.42
C LYS A 327 -5.95 26.85 15.68
N VAL A 328 -7.22 26.54 15.93
CA VAL A 328 -7.89 25.47 15.18
C VAL A 328 -8.53 26.08 13.92
N LEU A 329 -7.87 25.88 12.77
CA LEU A 329 -8.31 26.49 11.51
C LEU A 329 -9.52 25.79 10.95
N VAL A 330 -9.47 24.46 10.92
CA VAL A 330 -10.62 23.67 10.52
C VAL A 330 -10.81 22.58 11.57
N PRO A 331 -11.82 22.71 12.44
CA PRO A 331 -12.11 21.70 13.47
C PRO A 331 -12.38 20.33 12.96
N GLU A 332 -12.09 19.36 13.82
CA GLU A 332 -12.46 17.96 13.61
C GLU A 332 -13.98 17.78 13.42
N HIS A 333 -14.33 16.98 12.41
CA HIS A 333 -15.71 16.53 12.24
C HIS A 333 -16.02 15.36 13.18
N GLU A 334 -17.30 15.24 13.57
CA GLU A 334 -17.81 14.19 14.43
C GLU A 334 -17.58 12.76 13.90
N LYS A 335 -17.68 12.58 12.59
CA LYS A 335 -17.59 11.25 11.98
C LYS A 335 -16.62 11.19 10.80
N ASP A 336 -16.64 12.20 9.95
CA ASP A 336 -15.89 12.16 8.70
C ASP A 336 -14.40 12.42 8.89
N VAL A 337 -13.59 11.61 8.24
CA VAL A 337 -12.14 11.67 8.39
C VAL A 337 -11.59 12.67 7.36
N LEU A 338 -10.83 13.65 7.84
CA LEU A 338 -10.04 14.50 6.96
C LEU A 338 -8.81 13.70 6.48
N GLU A 339 -8.89 13.22 5.23
CA GLU A 339 -7.88 12.30 4.69
C GLU A 339 -6.59 13.00 4.30
N TRP A 340 -6.69 14.13 3.60
CA TRP A 340 -5.49 14.88 3.17
C TRP A 340 -5.91 16.31 2.83
N VAL A 341 -4.93 17.21 2.79
CA VAL A 341 -5.19 18.63 2.55
C VAL A 341 -4.02 19.15 1.71
N ALA A 342 -4.32 20.01 0.73
CA ALA A 342 -3.29 20.64 -0.08
C ALA A 342 -3.56 22.13 -0.07
N CYS A 343 -2.51 22.93 -0.27
CA CYS A 343 -2.69 24.36 -0.45
C CYS A 343 -2.39 24.72 -1.91
N VAL A 344 -3.26 25.52 -2.53
CA VAL A 344 -3.18 25.85 -3.94
C VAL A 344 -3.54 27.32 -4.18
N ARG A 345 -2.93 27.92 -5.20
CA ARG A 345 -3.20 29.32 -5.59
C ARG A 345 -3.12 30.29 -4.40
N SER A 346 -2.01 30.18 -3.67
CA SER A 346 -1.67 31.01 -2.50
C SER A 346 -2.53 30.80 -1.27
N ASN A 347 -3.84 31.01 -1.40
CA ASN A 347 -4.69 31.12 -0.22
C ASN A 347 -5.95 30.25 -0.26
N PHE A 348 -5.92 29.20 -1.06
CA PHE A 348 -6.98 28.16 -0.98
C PHE A 348 -6.42 26.90 -0.35
N LEU A 349 -7.33 26.14 0.27
CA LEU A 349 -7.02 24.79 0.73
C LEU A 349 -8.01 23.84 0.09
N VAL A 350 -7.51 22.69 -0.34
CA VAL A 350 -8.34 21.62 -0.90
C VAL A 350 -8.35 20.55 0.17
N LEU A 351 -9.55 20.22 0.66
CA LEU A 351 -9.65 19.18 1.68
C LEU A 351 -10.39 17.98 1.12
N CYS A 352 -9.87 16.79 1.39
CA CYS A 352 -10.51 15.58 0.94
C CYS A 352 -10.97 14.81 2.17
N TYR A 353 -12.28 14.61 2.30
CA TYR A 353 -12.85 13.86 3.43
C TYR A 353 -13.27 12.46 3.04
N LEU A 354 -13.30 11.55 4.01
CA LEU A 354 -13.90 10.24 3.84
C LEU A 354 -15.20 10.19 4.65
N HIS A 355 -16.34 10.03 3.96
CA HIS A 355 -17.66 9.99 4.57
C HIS A 355 -18.25 8.61 4.28
N ASP A 356 -18.36 7.77 5.31
CA ASP A 356 -18.76 6.36 5.13
C ASP A 356 -18.04 5.69 3.96
N VAL A 357 -16.72 5.83 3.95
CA VAL A 357 -15.84 5.15 2.98
C VAL A 357 -16.00 5.66 1.53
N LYS A 358 -16.48 6.89 1.35
CA LYS A 358 -16.57 7.51 0.04
C LYS A 358 -15.93 8.89 0.17
N ASN A 359 -15.24 9.35 -0.86
CA ASN A 359 -14.58 10.69 -0.80
C ASN A 359 -15.47 11.88 -1.15
N THR A 360 -15.21 13.00 -0.48
CA THR A 360 -15.80 14.28 -0.89
C THR A 360 -14.61 15.23 -1.03
N LEU A 361 -14.77 16.30 -1.79
CA LEU A 361 -13.63 17.20 -2.02
C LEU A 361 -14.14 18.61 -1.93
N GLN A 362 -13.48 19.42 -1.10
CA GLN A 362 -13.94 20.78 -0.76
C GLN A 362 -12.81 21.78 -0.93
N LEU A 363 -13.19 23.01 -1.29
CA LEU A 363 -12.25 24.12 -1.31
C LEU A 363 -12.54 25.03 -0.14
N HIS A 364 -11.51 25.41 0.61
CA HIS A 364 -11.66 26.27 1.79
C HIS A 364 -10.74 27.48 1.69
N ASP A 365 -11.07 28.53 2.45
CA ASP A 365 -10.23 29.72 2.54
C ASP A 365 -9.08 29.46 3.50
N LEU A 366 -7.83 29.76 3.12
CA LEU A 366 -6.70 29.53 4.04
C LEU A 366 -6.77 30.40 5.29
N ALA A 367 -7.15 31.66 5.13
CA ALA A 367 -7.20 32.59 6.27
C ALA A 367 -8.18 32.26 7.41
N THR A 368 -9.36 31.76 7.07
CA THR A 368 -10.42 31.54 8.07
C THR A 368 -10.78 30.07 8.19
N GLY A 369 -10.41 29.27 7.20
CA GLY A 369 -10.81 27.87 7.15
C GLY A 369 -12.21 27.66 6.60
N ALA A 370 -12.87 28.76 6.23
CA ALA A 370 -14.26 28.68 5.76
C ALA A 370 -14.43 27.87 4.49
N LEU A 371 -15.50 27.09 4.42
CA LEU A 371 -15.84 26.36 3.21
C LEU A 371 -16.23 27.35 2.10
N LEU A 372 -15.64 27.18 0.91
CA LEU A 372 -15.93 28.02 -0.24
C LEU A 372 -16.69 27.28 -1.36
N LYS A 373 -16.36 26.02 -1.58
CA LYS A 373 -16.91 25.29 -2.73
C LYS A 373 -16.87 23.79 -2.49
N ILE A 374 -17.92 23.11 -2.92
CA ILE A 374 -17.90 21.66 -2.95
C ILE A 374 -17.68 21.22 -4.40
N PHE A 375 -16.67 20.40 -4.61
CA PHE A 375 -16.44 19.78 -5.91
C PHE A 375 -17.24 18.48 -5.99
N PRO A 376 -18.25 18.45 -6.86
CA PRO A 376 -19.15 17.30 -6.89
C PRO A 376 -18.50 16.06 -7.48
N LEU A 377 -18.71 14.95 -6.80
CA LEU A 377 -18.20 13.65 -7.21
C LEU A 377 -19.32 12.64 -7.13
N GLU A 378 -19.18 11.59 -7.93
CA GLU A 378 -19.96 10.37 -7.81
C GLU A 378 -19.47 9.54 -6.61
N VAL A 379 -20.13 8.43 -6.29
CA VAL A 379 -19.68 7.61 -5.17
C VAL A 379 -18.40 6.84 -5.53
N GLY A 380 -17.32 7.13 -4.82
CA GLY A 380 -16.06 6.43 -5.06
C GLY A 380 -14.90 7.13 -4.38
N SER A 381 -13.73 7.11 -5.03
CA SER A 381 -12.50 7.61 -4.40
C SER A 381 -11.81 8.67 -5.24
N VAL A 382 -11.12 9.59 -4.57
CA VAL A 382 -10.16 10.46 -5.22
C VAL A 382 -8.78 9.81 -5.10
N VAL A 383 -8.15 9.48 -6.22
CA VAL A 383 -6.88 8.71 -6.15
C VAL A 383 -5.68 9.43 -6.75
N GLY A 384 -5.89 10.67 -7.15
CA GLY A 384 -4.76 11.48 -7.58
C GLY A 384 -5.15 12.93 -7.49
N TYR A 385 -4.16 13.79 -7.36
CA TYR A 385 -4.41 15.22 -7.22
C TYR A 385 -3.15 15.97 -7.59
N SER A 386 -3.32 17.15 -8.18
CA SER A 386 -2.18 18.05 -8.28
C SER A 386 -2.64 19.47 -8.09
N GLY A 387 -1.78 20.29 -7.48
CA GLY A 387 -2.05 21.72 -7.30
C GLY A 387 -1.33 22.24 -6.07
N GLN A 388 -0.19 22.88 -6.31
CA GLN A 388 0.72 23.39 -5.28
C GLN A 388 0.47 24.88 -5.06
N LYS A 389 1.05 25.43 -3.98
CA LYS A 389 0.79 26.81 -3.58
C LYS A 389 0.96 27.84 -4.67
N LYS A 390 2.02 27.72 -5.45
CA LYS A 390 2.28 28.70 -6.52
C LYS A 390 1.47 28.46 -7.81
N ASP A 391 0.83 27.27 -7.93
CA ASP A 391 -0.02 26.89 -9.08
C ASP A 391 -1.41 27.55 -8.98
N THR A 392 -2.07 27.73 -10.14
CA THR A 392 -3.38 28.38 -10.15
C THR A 392 -4.50 27.49 -10.67
N GLU A 393 -4.27 26.18 -10.66
CA GLU A 393 -5.30 25.25 -11.11
C GLU A 393 -5.10 23.95 -10.37
N ILE A 394 -6.16 23.14 -10.34
CA ILE A 394 -6.04 21.78 -9.82
C ILE A 394 -6.47 20.74 -10.85
N PHE A 395 -5.89 19.56 -10.73
CA PHE A 395 -6.43 18.37 -11.37
C PHE A 395 -6.68 17.38 -10.27
N TYR A 396 -7.74 16.58 -10.40
CA TYR A 396 -7.95 15.43 -9.52
C TYR A 396 -8.56 14.26 -10.28
N GLN A 397 -8.26 13.04 -9.81
CA GLN A 397 -8.72 11.84 -10.46
C GLN A 397 -9.68 11.05 -9.58
N PHE A 398 -10.79 10.68 -10.17
CA PHE A 398 -11.83 9.94 -9.49
C PHE A 398 -11.88 8.53 -10.04
N THR A 399 -12.12 7.56 -9.17
CA THR A 399 -12.32 6.17 -9.62
C THR A 399 -13.41 5.50 -8.77
N SER A 400 -13.96 4.38 -9.24
CA SER A 400 -15.01 3.67 -8.50
C SER A 400 -14.92 2.19 -8.87
N PHE A 401 -15.80 1.35 -8.34
CA PHE A 401 -15.73 -0.07 -8.66
C PHE A 401 -16.08 -0.33 -10.13
N LEU A 402 -16.90 0.55 -10.71
CA LEU A 402 -17.50 0.26 -12.03
C LEU A 402 -16.97 1.17 -13.13
N SER A 403 -16.24 2.20 -12.76
CA SER A 403 -15.75 3.17 -13.72
C SER A 403 -14.26 3.31 -13.62
N PRO A 404 -13.56 3.25 -14.78
CA PRO A 404 -12.10 3.31 -14.80
C PRO A 404 -11.59 4.61 -14.23
N GLY A 405 -12.29 5.70 -14.49
CA GLY A 405 -11.75 6.94 -14.01
C GLY A 405 -12.12 8.16 -14.80
N ILE A 406 -12.10 9.29 -14.10
CA ILE A 406 -12.30 10.58 -14.71
C ILE A 406 -11.24 11.50 -14.10
N ILE A 407 -10.50 12.23 -14.95
CA ILE A 407 -9.62 13.30 -14.48
C ILE A 407 -10.35 14.62 -14.67
N TYR A 408 -10.53 15.36 -13.58
CA TYR A 408 -11.12 16.71 -13.63
C TYR A 408 -10.05 17.79 -13.56
N HIS A 409 -10.39 18.96 -14.09
CA HIS A 409 -9.51 20.14 -14.06
C HIS A 409 -10.34 21.33 -13.59
N CYS A 410 -9.75 22.20 -12.78
CA CYS A 410 -10.40 23.45 -12.40
C CYS A 410 -9.39 24.60 -12.39
N ASP A 411 -9.70 25.62 -13.16
CA ASP A 411 -8.89 26.84 -13.22
C ASP A 411 -9.29 27.74 -12.05
N LEU A 412 -8.39 27.91 -11.09
CA LEU A 412 -8.78 28.59 -9.86
C LEU A 412 -8.60 30.10 -9.93
N THR A 413 -8.21 30.60 -11.10
CA THR A 413 -8.12 32.05 -11.30
C THR A 413 -9.47 32.62 -11.68
N LYS A 414 -10.43 31.75 -11.96
CA LYS A 414 -11.75 32.20 -12.36
C LYS A 414 -12.63 32.57 -11.17
N GLU A 415 -13.35 33.67 -11.32
CA GLU A 415 -14.22 34.14 -10.26
C GLU A 415 -15.21 33.05 -9.89
N GLU A 416 -15.84 32.49 -10.90
CA GLU A 416 -16.80 31.43 -10.67
C GLU A 416 -16.19 30.14 -11.11
N LEU A 417 -15.91 29.27 -10.15
CA LEU A 417 -15.19 28.04 -10.39
C LEU A 417 -16.06 27.04 -11.12
N GLU A 418 -15.43 26.28 -12.01
CA GLU A 418 -16.16 25.40 -12.92
C GLU A 418 -15.26 24.24 -13.24
N PRO A 419 -15.30 23.19 -12.39
CA PRO A 419 -14.55 21.97 -12.64
C PRO A 419 -15.12 21.24 -13.87
N ARG A 420 -14.23 20.76 -14.71
CA ARG A 420 -14.59 20.19 -16.00
C ARG A 420 -13.87 18.88 -16.18
N VAL A 421 -14.51 17.95 -16.89
CA VAL A 421 -13.84 16.71 -17.28
C VAL A 421 -12.67 17.05 -18.19
N PHE A 422 -11.50 16.53 -17.85
CA PHE A 422 -10.29 16.75 -18.61
C PHE A 422 -9.89 15.49 -19.39
N ARG A 423 -10.02 14.32 -18.75
CA ARG A 423 -9.80 13.02 -19.43
C ARG A 423 -10.78 12.01 -18.86
N GLU A 424 -11.31 11.16 -19.75
CA GLU A 424 -12.22 10.10 -19.34
C GLU A 424 -12.04 8.96 -20.33
N VAL A 425 -11.93 7.74 -19.83
CA VAL A 425 -11.84 6.57 -20.70
C VAL A 425 -12.86 5.56 -20.22
N THR A 426 -13.56 4.97 -21.19
CA THR A 426 -14.51 3.91 -20.88
C THR A 426 -13.94 2.57 -21.35
N VAL A 427 -14.15 1.52 -20.56
CA VAL A 427 -13.77 0.17 -20.96
C VAL A 427 -14.96 -0.51 -21.65
N LYS A 428 -14.75 -0.86 -22.92
CA LYS A 428 -15.77 -1.54 -23.70
C LYS A 428 -15.70 -3.04 -23.44
N GLY A 429 -16.86 -3.66 -23.21
CA GLY A 429 -16.88 -5.05 -22.77
C GLY A 429 -17.40 -5.15 -21.35
N ILE A 430 -17.10 -4.14 -20.55
CA ILE A 430 -17.70 -4.03 -19.22
C ILE A 430 -18.67 -2.86 -19.19
N ASP A 431 -19.93 -3.18 -19.50
CA ASP A 431 -21.08 -2.29 -19.37
C ASP A 431 -21.47 -2.08 -17.89
N ALA A 432 -21.10 -0.92 -17.35
CA ALA A 432 -21.31 -0.61 -15.92
C ALA A 432 -22.80 -0.66 -15.52
N SER A 433 -23.70 -0.31 -16.44
CA SER A 433 -25.13 -0.27 -16.12
C SER A 433 -25.73 -1.66 -15.88
N ASP A 434 -24.99 -2.72 -16.21
CA ASP A 434 -25.43 -4.08 -15.89
C ASP A 434 -25.20 -4.44 -14.41
N TYR A 435 -24.41 -3.62 -13.71
CA TYR A 435 -24.06 -3.97 -12.33
C TYR A 435 -24.48 -2.91 -11.34
N GLN A 436 -24.42 -3.26 -10.07
CA GLN A 436 -24.60 -2.26 -9.04
C GLN A 436 -23.67 -2.45 -7.87
N THR A 437 -23.41 -1.35 -7.17
CA THR A 437 -22.64 -1.37 -5.91
C THR A 437 -23.56 -0.96 -4.79
N VAL A 438 -23.64 -1.79 -3.76
CA VAL A 438 -24.38 -1.43 -2.56
C VAL A 438 -23.46 -1.33 -1.36
N GLN A 439 -23.83 -0.47 -0.42
CA GLN A 439 -23.14 -0.45 0.86
C GLN A 439 -24.08 -0.85 1.95
N ILE A 440 -23.65 -1.83 2.73
CA ILE A 440 -24.42 -2.28 3.88
C ILE A 440 -23.56 -2.14 5.14
N PHE A 441 -24.20 -2.20 6.30
CA PHE A 441 -23.47 -2.22 7.57
C PHE A 441 -23.91 -3.45 8.36
N TYR A 442 -22.97 -4.35 8.66
CA TYR A 442 -23.34 -5.58 9.35
C TYR A 442 -22.76 -5.56 10.78
N PRO A 443 -23.47 -6.21 11.73
CA PRO A 443 -22.90 -6.25 13.09
C PRO A 443 -21.82 -7.33 13.25
N SER A 444 -20.72 -6.94 13.90
CA SER A 444 -19.68 -7.89 14.24
C SER A 444 -20.05 -8.58 15.54
N LYS A 445 -19.17 -9.47 16.01
CA LYS A 445 -19.43 -10.24 17.24
C LYS A 445 -19.80 -9.37 18.42
N ASP A 446 -19.10 -8.23 18.58
CA ASP A 446 -19.32 -7.36 19.71
C ASP A 446 -20.41 -6.28 19.48
N GLY A 447 -21.10 -6.36 18.33
CA GLY A 447 -22.19 -5.45 17.98
C GLY A 447 -21.80 -4.24 17.14
N THR A 448 -20.49 -4.04 16.93
CA THR A 448 -20.03 -2.89 16.15
C THR A 448 -20.48 -3.06 14.70
N LYS A 449 -21.06 -2.01 14.12
CA LYS A 449 -21.47 -2.06 12.72
C LYS A 449 -20.29 -1.81 11.82
N ILE A 450 -20.06 -2.72 10.87
CA ILE A 450 -18.91 -2.65 9.98
C ILE A 450 -19.44 -2.38 8.58
N PRO A 451 -18.88 -1.38 7.84
CA PRO A 451 -19.27 -1.21 6.42
C PRO A 451 -18.78 -2.32 5.51
N MET A 452 -19.57 -2.62 4.48
CA MET A 452 -19.13 -3.53 3.42
C MET A 452 -19.76 -3.09 2.10
N PHE A 453 -18.93 -2.98 1.07
CA PHE A 453 -19.40 -2.79 -0.29
C PHE A 453 -19.62 -4.14 -0.94
N ILE A 454 -20.71 -4.24 -1.71
CA ILE A 454 -20.99 -5.47 -2.50
C ILE A 454 -21.28 -5.07 -3.93
N VAL A 455 -20.59 -5.69 -4.87
CA VAL A 455 -20.73 -5.38 -6.30
C VAL A 455 -21.25 -6.62 -7.00
N HIS A 456 -22.35 -6.50 -7.71
CA HIS A 456 -22.94 -7.68 -8.33
C HIS A 456 -23.77 -7.30 -9.54
N LYS A 457 -24.07 -8.29 -10.38
CA LYS A 457 -24.97 -8.09 -11.51
C LYS A 457 -26.38 -7.72 -10.98
N LYS A 458 -27.02 -6.73 -11.61
CA LYS A 458 -28.39 -6.35 -11.24
C LYS A 458 -29.37 -7.53 -11.39
N GLY A 459 -30.30 -7.66 -10.44
CA GLY A 459 -31.38 -8.64 -10.50
C GLY A 459 -31.08 -10.07 -10.10
N ILE A 460 -29.89 -10.34 -9.55
CA ILE A 460 -29.59 -11.71 -9.11
C ILE A 460 -30.51 -12.17 -7.96
N LYS A 461 -30.77 -13.48 -7.96
CA LYS A 461 -31.50 -14.14 -6.89
C LYS A 461 -30.56 -14.36 -5.73
N LEU A 462 -30.99 -14.04 -4.52
CA LEU A 462 -30.15 -14.25 -3.34
C LEU A 462 -30.44 -15.64 -2.76
N ASP A 463 -30.05 -16.64 -3.52
CA ASP A 463 -30.34 -18.03 -3.21
C ASP A 463 -29.08 -18.80 -2.83
N GLY A 464 -27.99 -18.05 -2.57
CA GLY A 464 -26.76 -18.69 -2.13
C GLY A 464 -25.93 -19.36 -3.21
N SER A 465 -26.33 -19.21 -4.47
CA SER A 465 -25.72 -19.97 -5.58
C SER A 465 -24.49 -19.36 -6.25
N HIS A 466 -24.10 -18.16 -5.83
CA HIS A 466 -23.10 -17.37 -6.57
C HIS A 466 -21.75 -17.49 -5.92
N PRO A 467 -20.69 -17.66 -6.74
CA PRO A 467 -19.34 -17.60 -6.17
C PRO A 467 -19.11 -16.17 -5.67
N ALA A 468 -18.38 -16.01 -4.57
CA ALA A 468 -18.11 -14.68 -4.05
C ALA A 468 -16.63 -14.52 -3.80
N PHE A 469 -16.16 -13.28 -3.90
CA PHE A 469 -14.76 -12.91 -3.68
C PHE A 469 -14.77 -11.77 -2.69
N LEU A 470 -14.33 -12.08 -1.47
CA LEU A 470 -14.41 -11.16 -0.32
C LEU A 470 -13.01 -10.70 0.06
N TYR A 471 -12.79 -9.39 -0.02
CA TYR A 471 -11.48 -8.79 0.17
C TYR A 471 -11.44 -7.96 1.47
N GLY A 472 -10.31 -8.00 2.18
CA GLY A 472 -10.12 -7.18 3.39
C GLY A 472 -8.63 -6.94 3.62
N TYR A 473 -8.33 -5.98 4.47
CA TYR A 473 -6.97 -5.68 4.89
C TYR A 473 -7.01 -5.60 6.42
N GLY A 474 -7.46 -4.46 6.96
CA GLY A 474 -7.69 -4.33 8.41
C GLY A 474 -6.45 -3.99 9.22
N GLY A 475 -5.90 -2.78 9.02
CA GLY A 475 -4.66 -2.47 9.72
C GLY A 475 -4.06 -1.16 9.23
N PHE A 476 -3.13 -0.63 10.02
CA PHE A 476 -2.20 0.41 9.61
C PHE A 476 -2.86 1.70 9.15
N ASN A 477 -4.06 1.95 9.65
CA ASN A 477 -4.81 3.18 9.32
C ASN A 477 -5.07 3.31 7.82
N ILE A 478 -5.06 2.18 7.12
CA ILE A 478 -5.32 2.15 5.68
C ILE A 478 -6.83 1.98 5.44
N SER A 479 -7.43 2.91 4.69
CA SER A 479 -8.86 2.80 4.33
C SER A 479 -9.01 2.12 2.97
N ILE A 480 -9.88 1.12 2.91
CA ILE A 480 -10.08 0.37 1.68
C ILE A 480 -11.26 0.94 0.93
N THR A 481 -10.98 1.86 0.02
CA THR A 481 -12.04 2.63 -0.64
C THR A 481 -12.29 2.12 -2.08
N PRO A 482 -13.39 2.56 -2.71
CA PRO A 482 -13.72 1.98 -4.03
C PRO A 482 -12.61 2.25 -5.07
N ASN A 483 -12.31 1.24 -5.87
CA ASN A 483 -11.22 1.30 -6.87
C ASN A 483 -11.62 0.46 -8.07
N TYR A 484 -11.10 0.83 -9.24
CA TYR A 484 -11.46 0.10 -10.46
C TYR A 484 -10.52 -1.06 -10.69
N SER A 485 -11.08 -2.28 -10.70
CA SER A 485 -10.32 -3.49 -10.98
C SER A 485 -11.02 -4.29 -12.09
N VAL A 486 -10.37 -4.33 -13.24
CA VAL A 486 -10.80 -5.11 -14.40
C VAL A 486 -10.80 -6.61 -14.01
N SER A 487 -9.77 -7.00 -13.26
CA SER A 487 -9.58 -8.37 -12.85
C SER A 487 -10.76 -8.88 -12.03
N ARG A 488 -11.24 -8.06 -11.09
CA ARG A 488 -12.42 -8.45 -10.31
C ARG A 488 -13.72 -8.40 -11.15
N LEU A 489 -13.82 -7.45 -12.07
CA LEU A 489 -15.01 -7.37 -12.92
C LEU A 489 -15.12 -8.55 -13.89
N ILE A 490 -13.98 -9.11 -14.27
CA ILE A 490 -14.02 -10.34 -15.07
C ILE A 490 -14.59 -11.50 -14.21
N PHE A 491 -14.23 -11.55 -12.93
CA PHE A 491 -14.82 -12.55 -12.03
C PHE A 491 -16.35 -12.39 -12.00
N VAL A 492 -16.81 -11.14 -11.90
CA VAL A 492 -18.26 -10.87 -11.92
C VAL A 492 -18.92 -11.34 -13.23
N ARG A 493 -18.40 -10.83 -14.36
CA ARG A 493 -19.06 -11.01 -15.66
C ARG A 493 -18.89 -12.41 -16.25
N HIS A 494 -17.68 -12.94 -16.12
CA HIS A 494 -17.33 -14.17 -16.81
C HIS A 494 -17.25 -15.37 -15.88
N MET A 495 -17.34 -15.11 -14.58
CA MET A 495 -17.39 -16.23 -13.62
C MET A 495 -18.66 -16.17 -12.74
N GLY A 496 -19.54 -15.22 -13.03
CA GLY A 496 -20.85 -15.13 -12.37
C GLY A 496 -20.74 -14.73 -10.90
N GLY A 497 -19.67 -14.05 -10.55
CA GLY A 497 -19.36 -13.81 -9.15
C GLY A 497 -19.89 -12.53 -8.56
N VAL A 498 -19.83 -12.49 -7.23
CA VAL A 498 -20.17 -11.32 -6.43
C VAL A 498 -18.89 -10.84 -5.75
N LEU A 499 -18.60 -9.55 -5.81
CA LEU A 499 -17.43 -8.97 -5.18
C LEU A 499 -17.87 -8.33 -3.86
N ALA A 500 -17.05 -8.49 -2.82
CA ALA A 500 -17.33 -7.82 -1.54
C ALA A 500 -16.06 -7.27 -0.93
N VAL A 501 -16.15 -6.08 -0.33
CA VAL A 501 -14.99 -5.47 0.37
C VAL A 501 -15.46 -5.09 1.76
N ALA A 502 -14.85 -5.65 2.82
CA ALA A 502 -15.34 -5.39 4.19
C ALA A 502 -14.39 -4.40 4.83
N ASN A 503 -14.94 -3.29 5.32
CA ASN A 503 -14.14 -2.19 5.93
C ASN A 503 -13.88 -2.44 7.41
N ILE A 504 -13.23 -3.58 7.69
CA ILE A 504 -13.00 -4.04 9.05
C ILE A 504 -12.10 -3.13 9.88
N ARG A 505 -12.19 -3.29 11.20
CA ARG A 505 -11.33 -2.50 12.13
C ARG A 505 -9.83 -2.73 11.94
N GLY A 506 -9.01 -1.74 12.37
CA GLY A 506 -7.59 -1.71 11.99
C GLY A 506 -7.34 -0.68 10.90
N GLY A 507 -8.34 -0.54 10.01
CA GLY A 507 -8.31 0.48 8.95
C GLY A 507 -8.46 1.91 9.42
N GLY A 508 -8.40 2.83 8.47
CA GLY A 508 -8.58 4.25 8.80
C GLY A 508 -9.96 4.81 8.55
N GLU A 509 -10.92 3.95 8.22
CA GLU A 509 -12.21 4.41 7.67
C GLU A 509 -13.00 5.31 8.62
N TYR A 510 -12.92 5.01 9.93
CA TYR A 510 -13.49 5.87 10.96
C TYR A 510 -12.40 6.45 11.88
N GLY A 511 -11.29 6.83 11.27
CA GLY A 511 -10.25 7.54 11.99
C GLY A 511 -9.43 6.69 12.92
N GLU A 512 -8.75 7.35 13.86
CA GLU A 512 -7.77 6.65 14.69
C GLU A 512 -8.46 5.67 15.64
N THR A 513 -9.69 5.97 16.08
CA THR A 513 -10.42 4.99 16.87
C THR A 513 -10.72 3.68 16.12
N TRP A 514 -10.96 3.79 14.81
CA TRP A 514 -11.16 2.58 13.98
C TRP A 514 -9.85 1.81 13.92
N HIS A 515 -8.75 2.55 13.76
CA HIS A 515 -7.43 1.90 13.67
C HIS A 515 -7.12 1.19 14.98
N LYS A 516 -7.33 1.88 16.12
CA LYS A 516 -7.00 1.28 17.42
C LYS A 516 -7.90 0.09 17.74
N GLY A 517 -9.07 0.06 17.11
CA GLY A 517 -9.97 -1.08 17.26
C GLY A 517 -9.49 -2.37 16.62
N GLY A 518 -8.41 -2.31 15.83
CA GLY A 518 -7.88 -3.51 15.15
C GLY A 518 -6.38 -3.70 15.31
N ILE A 519 -5.83 -3.27 16.43
CA ILE A 519 -4.40 -3.46 16.70
C ILE A 519 -4.15 -4.01 18.08
N LEU A 520 -2.91 -4.45 18.27
CA LEU A 520 -2.41 -4.86 19.61
C LEU A 520 -3.32 -5.90 20.29
N ALA A 521 -3.75 -5.63 21.54
CA ALA A 521 -4.63 -6.59 22.24
C ALA A 521 -5.92 -6.90 21.47
N ASN A 522 -6.34 -5.96 20.61
CA ASN A 522 -7.60 -6.02 19.87
C ASN A 522 -7.46 -6.50 18.41
N LYS A 523 -6.31 -7.06 18.05
CA LYS A 523 -6.13 -7.53 16.68
C LYS A 523 -7.21 -8.58 16.31
N GLN A 524 -7.65 -9.36 17.30
CA GLN A 524 -8.69 -10.37 17.04
C GLN A 524 -9.98 -9.74 16.50
N ASN A 525 -10.26 -8.48 16.82
CA ASN A 525 -11.40 -7.79 16.20
C ASN A 525 -11.38 -7.85 14.68
N CYS A 526 -10.19 -7.71 14.06
CA CYS A 526 -10.09 -7.73 12.59
C CYS A 526 -10.63 -9.06 12.05
N PHE A 527 -10.18 -10.17 12.65
CA PHE A 527 -10.54 -11.49 12.19
C PHE A 527 -12.03 -11.74 12.47
N ASP A 528 -12.52 -11.32 13.65
CA ASP A 528 -13.95 -11.44 13.97
C ASP A 528 -14.77 -10.66 12.95
N ASP A 529 -14.37 -9.42 12.67
CA ASP A 529 -15.11 -8.59 11.72
C ASP A 529 -15.18 -9.27 10.33
N PHE A 530 -14.06 -9.85 9.90
CA PHE A 530 -13.98 -10.41 8.56
C PHE A 530 -14.78 -11.73 8.46
N GLN A 531 -14.71 -12.54 9.50
CA GLN A 531 -15.49 -13.78 9.56
C GLN A 531 -16.98 -13.42 9.59
N CYS A 532 -17.31 -12.33 10.27
CA CYS A 532 -18.70 -11.86 10.29
C CYS A 532 -19.19 -11.33 8.94
N ALA A 533 -18.30 -10.70 8.16
CA ALA A 533 -18.63 -10.31 6.78
C ALA A 533 -18.99 -11.53 5.91
N ALA A 534 -18.20 -12.60 6.04
CA ALA A 534 -18.45 -13.87 5.36
C ALA A 534 -19.81 -14.45 5.77
N GLU A 535 -20.08 -14.45 7.08
CA GLU A 535 -21.38 -14.94 7.59
C GLU A 535 -22.57 -14.12 7.07
N TYR A 536 -22.39 -12.82 6.91
CA TYR A 536 -23.44 -11.96 6.36
C TYR A 536 -23.73 -12.33 4.89
N LEU A 537 -22.67 -12.46 4.08
CA LEU A 537 -22.85 -12.79 2.66
C LEU A 537 -23.58 -14.11 2.53
N ILE A 538 -23.27 -15.05 3.42
CA ILE A 538 -23.90 -16.38 3.42
C ILE A 538 -25.34 -16.31 3.89
N LYS A 539 -25.56 -15.73 5.06
CA LYS A 539 -26.92 -15.59 5.61
C LYS A 539 -27.89 -14.84 4.67
N GLU A 540 -27.41 -13.77 4.05
CA GLU A 540 -28.25 -12.98 3.13
C GLU A 540 -28.38 -13.59 1.73
N GLY A 541 -27.69 -14.71 1.49
CA GLY A 541 -27.91 -15.47 0.24
C GLY A 541 -27.08 -14.96 -0.95
N TYR A 542 -26.03 -14.18 -0.71
CA TYR A 542 -25.12 -13.86 -1.83
C TYR A 542 -24.34 -15.08 -2.28
N THR A 543 -24.00 -15.94 -1.31
CA THR A 543 -23.06 -17.04 -1.55
C THR A 543 -23.27 -18.16 -0.55
N SER A 544 -22.42 -19.17 -0.64
CA SER A 544 -22.36 -20.24 0.34
C SER A 544 -20.90 -20.54 0.66
N PRO A 545 -20.61 -21.14 1.84
CA PRO A 545 -19.20 -21.40 2.18
C PRO A 545 -18.39 -22.08 1.07
N LYS A 546 -18.95 -23.10 0.40
CA LYS A 546 -18.20 -23.82 -0.64
C LYS A 546 -17.87 -22.96 -1.88
N ARG A 547 -18.58 -21.84 -2.04
CA ARG A 547 -18.41 -20.98 -3.20
C ARG A 547 -17.70 -19.68 -2.83
N LEU A 548 -17.24 -19.56 -1.58
CA LEU A 548 -16.68 -18.28 -1.10
C LEU A 548 -15.18 -18.31 -1.13
N THR A 549 -14.59 -17.29 -1.77
CA THR A 549 -13.15 -17.07 -1.77
C THR A 549 -12.86 -15.80 -0.97
N ILE A 550 -11.87 -15.88 -0.07
CA ILE A 550 -11.34 -14.67 0.57
C ILE A 550 -9.92 -14.38 0.07
N ASN A 551 -9.59 -13.08 0.02
CA ASN A 551 -8.31 -12.57 -0.50
C ASN A 551 -7.86 -11.36 0.31
N GLY A 552 -6.56 -11.27 0.52
CA GLY A 552 -5.94 -10.09 1.13
C GLY A 552 -4.44 -10.14 0.87
N GLY A 553 -3.78 -8.99 0.96
CA GLY A 553 -2.34 -8.88 0.74
C GLY A 553 -1.62 -8.21 1.92
N SER A 554 -0.43 -8.75 2.26
CA SER A 554 0.47 -8.18 3.25
C SER A 554 -0.22 -8.36 4.60
N ASN A 555 -0.58 -7.28 5.28
CA ASN A 555 -1.47 -7.40 6.45
C ASN A 555 -2.80 -8.13 6.16
N GLY A 556 -3.29 -8.00 4.91
CA GLY A 556 -4.47 -8.71 4.44
C GLY A 556 -4.19 -10.17 4.21
N GLY A 557 -2.93 -10.49 3.89
CA GLY A 557 -2.52 -11.91 3.84
C GLY A 557 -2.55 -12.59 5.18
N LEU A 558 -2.04 -11.90 6.21
CA LEU A 558 -2.22 -12.31 7.62
C LEU A 558 -3.73 -12.53 7.88
N LEU A 559 -4.55 -11.57 7.45
CA LEU A 559 -6.00 -11.64 7.71
C LEU A 559 -6.60 -12.94 7.22
N VAL A 560 -6.36 -13.26 5.94
CA VAL A 560 -7.03 -14.41 5.37
C VAL A 560 -6.43 -15.73 5.87
N ALA A 561 -5.13 -15.74 6.14
CA ALA A 561 -4.45 -16.96 6.64
C ALA A 561 -4.99 -17.31 8.03
N THR A 562 -5.08 -16.29 8.88
CA THR A 562 -5.65 -16.49 10.23
C THR A 562 -7.11 -16.97 10.12
N CYS A 563 -7.90 -16.33 9.26
CA CYS A 563 -9.29 -16.77 9.08
C CYS A 563 -9.39 -18.24 8.63
N ALA A 564 -8.49 -18.68 7.76
CA ALA A 564 -8.48 -20.09 7.33
C ALA A 564 -8.25 -21.03 8.53
N ASN A 565 -7.33 -20.68 9.40
CA ASN A 565 -7.10 -21.45 10.62
C ASN A 565 -8.28 -21.43 11.59
N GLN A 566 -8.89 -20.26 11.78
CA GLN A 566 -9.94 -20.12 12.80
C GLN A 566 -11.31 -20.63 12.36
N ARG A 567 -11.67 -20.43 11.09
CA ARG A 567 -12.98 -20.86 10.60
C ARG A 567 -12.82 -21.53 9.22
N PRO A 568 -12.11 -22.69 9.17
CA PRO A 568 -11.92 -23.38 7.88
C PRO A 568 -13.24 -23.77 7.23
N ASP A 569 -14.29 -23.91 8.06
CA ASP A 569 -15.64 -24.27 7.59
C ASP A 569 -16.38 -23.17 6.83
N LEU A 570 -15.89 -21.92 6.95
CA LEU A 570 -16.55 -20.75 6.36
C LEU A 570 -16.16 -20.45 4.88
N PHE A 571 -15.05 -21.02 4.39
CA PHE A 571 -14.45 -20.59 3.12
C PHE A 571 -14.18 -21.77 2.21
N GLY A 572 -14.39 -21.58 0.91
CA GLY A 572 -14.04 -22.60 -0.08
C GLY A 572 -12.58 -22.44 -0.51
N CYS A 573 -12.14 -21.18 -0.56
CA CYS A 573 -10.85 -20.88 -1.20
C CYS A 573 -10.23 -19.65 -0.54
N VAL A 574 -8.92 -19.68 -0.38
CA VAL A 574 -8.23 -18.59 0.28
C VAL A 574 -7.03 -18.25 -0.58
N ILE A 575 -6.88 -16.98 -0.97
CA ILE A 575 -5.66 -16.51 -1.64
C ILE A 575 -4.94 -15.46 -0.79
N ALA A 576 -3.78 -15.81 -0.23
CA ALA A 576 -3.02 -14.91 0.63
C ALA A 576 -1.82 -14.40 -0.14
N GLN A 577 -1.83 -13.10 -0.44
CA GLN A 577 -0.70 -12.49 -1.16
C GLN A 577 0.26 -11.85 -0.17
N VAL A 578 1.55 -12.14 -0.35
CA VAL A 578 2.69 -11.52 0.37
C VAL A 578 2.40 -11.29 1.88
N GLY A 579 1.92 -12.35 2.51
CA GLY A 579 1.35 -12.27 3.86
C GLY A 579 2.35 -12.39 4.99
N VAL A 580 2.08 -11.69 6.10
CA VAL A 580 2.88 -11.84 7.33
C VAL A 580 2.32 -13.05 8.09
N MET A 581 3.13 -14.10 8.14
CA MET A 581 2.66 -15.39 8.66
C MET A 581 3.32 -15.79 9.98
N ASP A 582 4.57 -15.39 10.16
CA ASP A 582 5.28 -15.67 11.39
C ASP A 582 5.20 -14.43 12.31
N MET A 583 4.18 -14.40 13.17
CA MET A 583 3.98 -13.24 14.06
C MET A 583 4.96 -13.17 15.20
N LEU A 584 5.68 -14.25 15.46
CA LEU A 584 6.68 -14.24 16.52
C LEU A 584 8.02 -13.68 16.05
N LYS A 585 8.28 -13.75 14.73
CA LYS A 585 9.59 -13.37 14.18
C LYS A 585 9.59 -12.18 13.20
N PHE A 586 8.41 -11.65 12.87
CA PHE A 586 8.34 -10.66 11.78
C PHE A 586 9.27 -9.44 12.01
N HIS A 587 9.52 -9.09 13.28
CA HIS A 587 10.24 -7.85 13.59
C HIS A 587 11.76 -8.02 13.29
N LYS A 588 12.23 -9.24 13.07
CA LYS A 588 13.67 -9.49 12.90
C LYS A 588 14.21 -9.07 11.52
N TYR A 589 13.33 -8.90 10.55
CA TYR A 589 13.72 -8.85 9.13
C TYR A 589 13.40 -7.51 8.50
N THR A 590 14.30 -7.06 7.59
CA THR A 590 14.13 -5.77 6.83
C THR A 590 13.44 -4.68 7.66
N ILE A 591 12.25 -4.24 7.25
CA ILE A 591 11.56 -3.11 7.91
C ILE A 591 10.47 -3.61 8.89
N GLY A 592 10.44 -4.92 9.16
CA GLY A 592 9.37 -5.50 9.99
C GLY A 592 9.35 -4.91 11.39
N HIS A 593 10.47 -4.36 11.84
CA HIS A 593 10.46 -3.69 13.16
C HIS A 593 9.44 -2.56 13.24
N ALA A 594 9.12 -1.98 12.09
CA ALA A 594 8.19 -0.86 12.05
C ALA A 594 6.74 -1.24 12.33
N TRP A 595 6.42 -2.55 12.24
CA TRP A 595 5.01 -3.00 12.33
C TRP A 595 4.56 -3.28 13.76
N THR A 596 5.49 -3.16 14.72
CA THR A 596 5.18 -3.43 16.13
C THR A 596 4.12 -2.48 16.67
N THR A 597 3.95 -1.34 16.02
CA THR A 597 2.92 -0.38 16.45
C THR A 597 1.49 -0.91 16.20
N ASP A 598 1.33 -1.80 15.21
CA ASP A 598 0.04 -2.47 15.00
C ASP A 598 -0.04 -3.82 15.70
N TYR A 599 1.08 -4.54 15.74
CA TYR A 599 1.03 -5.94 16.18
C TYR A 599 1.50 -6.22 17.61
N GLY A 600 2.37 -5.36 18.13
CA GLY A 600 3.16 -5.71 19.33
C GLY A 600 4.41 -6.47 18.94
N CYS A 601 5.16 -6.99 19.91
CA CYS A 601 6.40 -7.69 19.57
C CYS A 601 6.60 -8.81 20.57
N SER A 602 6.99 -9.99 20.10
CA SER A 602 7.03 -11.19 20.94
C SER A 602 8.07 -11.16 22.06
N ASP A 603 8.90 -10.12 22.11
CA ASP A 603 9.81 -9.92 23.25
C ASP A 603 9.11 -9.55 24.57
N SER A 604 7.84 -9.13 24.49
CA SER A 604 7.00 -8.86 25.67
C SER A 604 6.10 -10.05 25.96
N LYS A 605 6.00 -10.49 27.23
CA LYS A 605 5.09 -11.60 27.59
C LYS A 605 3.64 -11.25 27.23
N GLN A 606 3.21 -10.05 27.60
CA GLN A 606 1.86 -9.60 27.24
C GLN A 606 1.63 -9.71 25.72
N HIS A 607 2.56 -9.18 24.92
CA HIS A 607 2.34 -9.20 23.46
C HIS A 607 2.38 -10.61 22.90
N PHE A 608 3.30 -11.43 23.40
CA PHE A 608 3.41 -12.81 22.98
C PHE A 608 2.08 -13.53 23.17
N GLU A 609 1.44 -13.27 24.30
CA GLU A 609 0.19 -13.95 24.59
C GLU A 609 -0.92 -13.56 23.61
N TRP A 610 -0.89 -12.33 23.05
CA TRP A 610 -1.81 -11.94 21.99
C TRP A 610 -1.43 -12.67 20.70
N LEU A 611 -0.16 -12.54 20.34
CA LEU A 611 0.33 -12.98 19.03
C LEU A 611 0.18 -14.49 18.84
N ILE A 612 0.49 -15.26 19.89
CA ILE A 612 0.47 -16.72 19.78
C ILE A 612 -0.92 -17.28 19.41
N LYS A 613 -1.97 -16.55 19.82
CA LYS A 613 -3.33 -17.00 19.61
C LYS A 613 -3.76 -16.91 18.14
N TYR A 614 -3.13 -16.02 17.36
CA TYR A 614 -3.55 -15.84 15.98
C TYR A 614 -2.48 -15.98 14.90
N SER A 615 -1.22 -16.05 15.30
CA SER A 615 -0.11 -16.21 14.34
C SER A 615 -0.40 -17.36 13.36
N PRO A 616 -0.46 -17.07 12.04
CA PRO A 616 -0.87 -18.17 11.14
C PRO A 616 0.06 -19.37 11.25
N LEU A 617 1.36 -19.10 11.30
CA LEU A 617 2.35 -20.21 11.42
C LEU A 617 2.16 -21.14 12.62
N HIS A 618 1.58 -20.60 13.70
CA HIS A 618 1.51 -21.29 14.98
C HIS A 618 0.11 -21.78 15.33
N ASN A 619 -0.80 -21.68 14.37
CA ASN A 619 -2.17 -22.11 14.59
C ASN A 619 -2.73 -23.00 13.49
N VAL A 620 -1.83 -23.68 12.78
CA VAL A 620 -2.26 -24.70 11.82
C VAL A 620 -2.66 -25.97 12.58
N LYS A 621 -3.92 -26.37 12.42
CA LYS A 621 -4.47 -27.48 13.19
C LYS A 621 -5.56 -28.18 12.40
N LEU A 622 -5.47 -29.51 12.34
CA LEU A 622 -6.53 -30.30 11.70
C LEU A 622 -7.87 -29.98 12.32
N PRO A 623 -8.89 -29.68 11.49
CA PRO A 623 -10.21 -29.47 12.06
C PRO A 623 -10.67 -30.74 12.79
N GLU A 624 -11.27 -30.55 13.96
CA GLU A 624 -11.75 -31.67 14.80
C GLU A 624 -12.87 -32.48 14.15
N ALA A 625 -13.83 -31.79 13.52
CA ALA A 625 -14.95 -32.44 12.85
C ALA A 625 -14.54 -33.24 11.60
N ASP A 626 -15.05 -34.47 11.49
CA ASP A 626 -14.74 -35.34 10.37
C ASP A 626 -15.10 -34.76 9.00
N ASP A 627 -16.17 -33.99 8.93
CA ASP A 627 -16.64 -33.45 7.65
C ASP A 627 -16.04 -32.08 7.34
N ILE A 628 -15.04 -31.65 8.10
CA ILE A 628 -14.43 -30.32 7.85
C ILE A 628 -12.94 -30.48 7.52
N GLN A 629 -12.52 -29.88 6.40
CA GLN A 629 -11.11 -29.85 6.02
C GLN A 629 -10.75 -28.39 5.86
N TYR A 630 -9.48 -28.14 5.57
CA TYR A 630 -9.08 -26.77 5.21
C TYR A 630 -9.60 -26.38 3.84
N PRO A 631 -9.88 -25.07 3.65
CA PRO A 631 -10.17 -24.56 2.33
C PRO A 631 -8.99 -24.79 1.38
N SER A 632 -9.25 -24.79 0.07
CA SER A 632 -8.13 -24.70 -0.90
C SER A 632 -7.39 -23.39 -0.64
N MET A 633 -6.06 -23.45 -0.60
CA MET A 633 -5.26 -22.26 -0.27
C MET A 633 -4.17 -22.05 -1.28
N LEU A 634 -3.99 -20.81 -1.72
CA LEU A 634 -2.83 -20.43 -2.53
C LEU A 634 -2.11 -19.25 -1.89
N LEU A 635 -0.80 -19.42 -1.62
CA LEU A 635 0.04 -18.31 -1.15
C LEU A 635 0.85 -17.80 -2.35
N LEU A 636 0.87 -16.50 -2.56
CA LEU A 636 1.64 -15.88 -3.61
C LEU A 636 2.71 -14.99 -2.95
N THR A 637 3.97 -15.20 -3.31
CA THR A 637 5.03 -14.31 -2.88
C THR A 637 6.06 -14.22 -4.02
N ALA A 638 7.19 -13.56 -3.76
CA ALA A 638 8.19 -13.37 -4.80
C ALA A 638 9.55 -13.18 -4.15
N ASP A 639 10.59 -13.52 -4.91
CA ASP A 639 11.91 -13.67 -4.27
C ASP A 639 12.63 -12.35 -3.96
N HIS A 640 12.12 -11.22 -4.44
CA HIS A 640 12.66 -9.92 -4.03
C HIS A 640 11.61 -9.16 -3.19
N ASP A 641 10.64 -9.87 -2.57
CA ASP A 641 9.77 -9.18 -1.64
C ASP A 641 10.52 -8.89 -0.35
N ASP A 642 11.18 -7.72 -0.32
CA ASP A 642 11.90 -7.32 0.86
C ASP A 642 11.06 -6.49 1.82
N ARG A 643 9.79 -6.27 1.47
CA ARG A 643 8.87 -5.71 2.43
C ARG A 643 8.42 -6.75 3.44
N VAL A 644 7.82 -7.83 2.92
CA VAL A 644 7.42 -8.98 3.73
C VAL A 644 8.26 -10.14 3.24
N VAL A 645 9.35 -10.43 3.96
CA VAL A 645 10.32 -11.41 3.45
C VAL A 645 9.66 -12.77 3.17
N PRO A 646 9.97 -13.42 2.04
CA PRO A 646 9.16 -14.57 1.62
C PRO A 646 9.25 -15.79 2.52
N LEU A 647 10.22 -15.81 3.44
CA LEU A 647 10.26 -16.92 4.42
C LEU A 647 8.91 -17.03 5.19
N HIS A 648 8.13 -15.94 5.30
CA HIS A 648 6.81 -16.04 5.93
C HIS A 648 5.93 -17.11 5.24
N SER A 649 5.79 -16.97 3.92
CA SER A 649 4.98 -17.88 3.12
C SER A 649 5.63 -19.26 3.01
N LEU A 650 6.95 -19.31 2.86
CA LEU A 650 7.67 -20.59 2.82
C LEU A 650 7.44 -21.45 4.05
N LYS A 651 7.62 -20.88 5.24
CA LYS A 651 7.43 -21.66 6.47
C LYS A 651 5.95 -22.04 6.63
N PHE A 652 5.05 -21.11 6.29
CA PHE A 652 3.62 -21.40 6.42
C PHE A 652 3.18 -22.54 5.52
N ILE A 653 3.63 -22.53 4.25
CA ILE A 653 3.16 -23.57 3.35
C ILE A 653 3.75 -24.92 3.75
N ALA A 654 4.98 -24.93 4.24
CA ALA A 654 5.55 -26.22 4.68
C ALA A 654 4.72 -26.82 5.83
N THR A 655 4.30 -25.94 6.73
CA THR A 655 3.45 -26.31 7.88
C THR A 655 2.06 -26.79 7.46
N LEU A 656 1.40 -26.01 6.59
CA LEU A 656 0.10 -26.43 6.05
C LEU A 656 0.21 -27.82 5.41
N GLN A 657 1.21 -28.03 4.57
CA GLN A 657 1.32 -29.31 3.86
C GLN A 657 1.61 -30.48 4.82
N TYR A 658 2.38 -30.23 5.86
CA TYR A 658 2.74 -31.33 6.74
C TYR A 658 1.59 -31.66 7.69
N ILE A 659 1.06 -30.64 8.36
CA ILE A 659 0.02 -30.87 9.37
C ILE A 659 -1.32 -31.27 8.75
N VAL A 660 -1.74 -30.51 7.73
CA VAL A 660 -3.06 -30.64 7.13
C VAL A 660 -2.98 -31.42 5.81
N GLY A 661 -2.01 -31.07 4.95
CA GLY A 661 -1.88 -31.71 3.65
C GLY A 661 -1.73 -33.24 3.74
N ARG A 662 -1.08 -33.74 4.79
CA ARG A 662 -0.87 -35.19 4.98
C ARG A 662 -2.11 -35.96 5.43
N SER A 663 -3.15 -35.27 5.86
CA SER A 663 -4.31 -35.94 6.42
C SER A 663 -5.17 -36.53 5.31
N ARG A 664 -5.75 -37.70 5.58
CA ARG A 664 -6.51 -38.38 4.55
C ARG A 664 -7.73 -37.56 4.12
N LYS A 665 -8.33 -36.82 5.04
CA LYS A 665 -9.56 -36.06 4.74
C LYS A 665 -9.30 -34.78 3.96
N GLN A 666 -8.03 -34.39 3.85
CA GLN A 666 -7.72 -33.16 3.12
C GLN A 666 -7.57 -33.43 1.63
N ASN A 667 -8.50 -32.92 0.84
CA ASN A 667 -8.41 -33.03 -0.61
C ASN A 667 -8.32 -31.72 -1.36
N ASN A 668 -8.57 -30.63 -0.64
CA ASN A 668 -8.33 -29.29 -1.20
C ASN A 668 -6.81 -29.00 -1.22
N PRO A 669 -6.29 -28.47 -2.33
CA PRO A 669 -4.85 -28.24 -2.42
C PRO A 669 -4.37 -27.06 -1.56
N LEU A 670 -3.10 -27.11 -1.17
CA LEU A 670 -2.45 -26.09 -0.32
C LEU A 670 -1.14 -25.81 -1.04
N LEU A 671 -1.07 -24.68 -1.75
CA LEU A 671 0.02 -24.44 -2.70
C LEU A 671 0.64 -23.09 -2.52
N ILE A 672 1.88 -22.99 -2.95
CA ILE A 672 2.53 -21.69 -3.01
C ILE A 672 3.07 -21.43 -4.42
N HIS A 673 3.07 -20.15 -4.82
CA HIS A 673 3.84 -19.80 -6.00
C HIS A 673 4.80 -18.67 -5.66
N VAL A 674 6.07 -18.87 -5.98
CA VAL A 674 7.08 -17.83 -5.69
C VAL A 674 7.58 -17.29 -7.01
N ASP A 675 7.24 -16.03 -7.32
CA ASP A 675 7.69 -15.43 -8.59
C ASP A 675 9.15 -14.99 -8.53
N THR A 676 9.75 -14.79 -9.71
CA THR A 676 11.10 -14.23 -9.83
C THR A 676 11.03 -12.81 -10.33
N LYS A 677 12.09 -12.05 -10.10
CA LYS A 677 12.20 -10.64 -10.57
C LYS A 677 11.00 -9.77 -10.16
N ALA A 678 10.47 -10.05 -8.97
CA ALA A 678 9.32 -9.34 -8.44
C ALA A 678 9.47 -9.26 -6.94
N GLY A 679 8.71 -8.33 -6.36
CA GLY A 679 8.76 -8.07 -4.94
C GLY A 679 7.37 -7.93 -4.36
N HIS A 680 7.22 -6.98 -3.44
CA HIS A 680 5.97 -6.89 -2.65
C HIS A 680 4.77 -6.57 -3.53
N GLY A 681 5.03 -5.79 -4.60
CA GLY A 681 3.99 -5.51 -5.61
C GLY A 681 4.10 -4.16 -6.29
N ALA A 682 4.60 -3.14 -5.56
CA ALA A 682 4.72 -1.82 -6.16
C ALA A 682 5.66 -1.90 -7.38
N GLY A 683 5.25 -1.27 -8.48
CA GLY A 683 6.10 -1.27 -9.67
C GLY A 683 6.08 -2.58 -10.49
N LYS A 684 5.25 -3.54 -10.11
CA LYS A 684 5.17 -4.79 -10.87
C LYS A 684 4.74 -4.48 -12.29
N PRO A 685 5.49 -5.00 -13.29
CA PRO A 685 5.07 -4.73 -14.68
C PRO A 685 3.72 -5.35 -15.05
N THR A 686 3.01 -4.67 -15.95
CA THR A 686 1.76 -5.13 -16.48
C THR A 686 1.78 -6.61 -16.82
N ALA A 687 2.83 -7.10 -17.48
CA ALA A 687 2.85 -8.52 -17.89
C ALA A 687 2.71 -9.44 -16.70
N LYS A 688 3.43 -9.11 -15.63
CA LYS A 688 3.36 -9.91 -14.40
C LYS A 688 2.05 -9.75 -13.65
N VAL A 689 1.47 -8.55 -13.71
CA VAL A 689 0.15 -8.31 -13.15
C VAL A 689 -0.88 -9.25 -13.80
N ILE A 690 -0.83 -9.33 -15.14
CA ILE A 690 -1.78 -10.17 -15.87
C ILE A 690 -1.61 -11.64 -15.50
N GLU A 691 -0.36 -12.09 -15.41
CA GLU A 691 -0.10 -13.49 -15.08
C GLU A 691 -0.65 -13.81 -13.67
N GLU A 692 -0.40 -12.89 -12.75
CA GLU A 692 -0.85 -13.06 -11.36
C GLU A 692 -2.37 -13.19 -11.21
N VAL A 693 -3.15 -12.30 -11.84
CA VAL A 693 -4.59 -12.36 -11.70
C VAL A 693 -5.12 -13.61 -12.42
N SER A 694 -4.45 -13.99 -13.52
CA SER A 694 -4.83 -15.22 -14.23
C SER A 694 -4.60 -16.44 -13.32
N ASP A 695 -3.49 -16.45 -12.59
CA ASP A 695 -3.20 -17.53 -11.61
C ASP A 695 -4.31 -17.60 -10.54
N MET A 696 -4.68 -16.43 -10.04
CA MET A 696 -5.64 -16.34 -8.89
C MET A 696 -6.98 -16.88 -9.30
N PHE A 697 -7.50 -16.36 -10.41
CA PHE A 697 -8.83 -16.77 -10.84
C PHE A 697 -8.92 -18.16 -11.45
N ALA A 698 -7.83 -18.62 -12.09
CA ALA A 698 -7.75 -20.04 -12.48
C ALA A 698 -7.78 -20.97 -11.26
N PHE A 699 -7.06 -20.61 -10.19
CA PHE A 699 -7.11 -21.38 -8.93
C PHE A 699 -8.53 -21.46 -8.40
N ILE A 700 -9.19 -20.31 -8.34
CA ILE A 700 -10.57 -20.25 -7.83
C ILE A 700 -11.46 -21.10 -8.69
N ALA A 701 -11.31 -20.94 -10.01
CA ALA A 701 -12.16 -21.68 -10.95
C ALA A 701 -11.99 -23.19 -10.83
N ARG A 702 -10.74 -23.66 -10.76
CA ARG A 702 -10.50 -25.11 -10.65
C ARG A 702 -10.97 -25.66 -9.30
N CYS A 703 -10.66 -24.96 -8.22
CA CYS A 703 -10.97 -25.47 -6.90
C CYS A 703 -12.48 -25.52 -6.69
N LEU A 704 -13.19 -24.52 -7.21
CA LEU A 704 -14.65 -24.44 -7.00
C LEU A 704 -15.46 -25.03 -8.15
N ASN A 705 -14.76 -25.49 -9.19
CA ASN A 705 -15.36 -25.99 -10.44
C ASN A 705 -16.35 -24.98 -11.03
N ILE A 706 -15.89 -23.76 -11.25
CA ILE A 706 -16.73 -22.73 -11.84
C ILE A 706 -16.61 -22.73 -13.36
N ASP A 707 -17.75 -22.75 -14.06
CA ASP A 707 -17.78 -22.65 -15.53
C ASP A 707 -17.53 -21.20 -15.98
N TRP A 708 -16.71 -21.05 -17.02
CA TRP A 708 -16.56 -19.74 -17.69
C TRP A 708 -17.87 -19.36 -18.34
N ILE A 709 -18.20 -18.08 -18.31
CA ILE A 709 -19.39 -17.59 -18.97
C ILE A 709 -18.87 -16.61 -20.03
N PRO A 710 -18.85 -17.03 -21.31
CA PRO A 710 -18.20 -16.18 -22.31
C PRO A 710 -18.95 -14.86 -22.54
#